data_4CZ9
#
_entry.id   4CZ9
#
_cell.length_a   109.566
_cell.length_b   109.566
_cell.length_c   209.626
_cell.angle_alpha   90.00
_cell.angle_beta   90.00
_cell.angle_gamma   120.00
#
_symmetry.space_group_name_H-M   'P 64'
#
loop_
_entity.id
_entity.type
_entity.pdbx_description
1 polymer 'NA+/H+ ANTIPORTER, PUTATIVE'
2 non-polymer 'octyl 4-O-beta-D-allopyranosyl-1-thio-beta-D-altropyranoside'
3 water water
#
_entity_poly.entity_id   1
_entity_poly.type   'polypeptide(L)'
_entity_poly.pdbx_seq_one_letter_code
;MIELSLAEALFLILFTGVISMLISRRTGISYVPIFILTGLVIGPLLKLIPRDLAHEIFDFVRVFGLVIILFTEGHNLSWR
LLKKNMPTIVTLDTIGLILTALIAGFIFKVVFNSSFLLGFLFGAIIGATDPATLIPLFRQYRVKQDIETVIVTESIFNDP
LGIVLTLIAISMLVPGYGGGIFSTLSEKLGIYAGGVIYFLYNVSVSISLGIFLGILGYKFIKRTGIFDFPEIEAFSLSLA
FLGFFIGERLDASGYLVATVTGIVLGNYKLLKPRENIRILKRLQRAIEKEVHFNDTLAALATIFIFVLLGAEMNLEVIWS
NLGKGLLVALGVMILARPLATLPLLKWWNFREYLFIALEGPRGVVPSALASLPLSLALKYKSPLLTVHWGEIIMATVVIT
VLTSVIVETLWIPILKDKLDVG
;
_entity_poly.pdbx_strand_id   A,B
#
# COMPACT_ATOMS: atom_id res chain seq x y z
N ILE A 2 11.70 15.00 -0.43
CA ILE A 2 11.86 13.56 -0.63
C ILE A 2 10.52 12.92 -0.91
N GLU A 3 9.73 12.78 0.15
CA GLU A 3 8.45 12.13 0.07
C GLU A 3 7.51 12.88 -0.85
N LEU A 4 7.78 14.18 -0.99
CA LEU A 4 6.94 15.03 -1.83
C LEU A 4 6.99 14.55 -3.28
N SER A 5 8.20 14.32 -3.76
CA SER A 5 8.38 13.83 -5.12
C SER A 5 7.66 12.50 -5.27
N LEU A 6 7.75 11.67 -4.24
CA LEU A 6 7.10 10.38 -4.25
C LEU A 6 5.61 10.55 -4.42
N ALA A 7 5.05 11.49 -3.69
CA ALA A 7 3.62 11.75 -3.74
C ALA A 7 3.25 12.17 -5.13
N GLU A 8 4.07 13.03 -5.71
CA GLU A 8 3.80 13.50 -7.06
C GLU A 8 3.74 12.31 -7.97
N ALA A 9 4.75 11.46 -7.86
CA ALA A 9 4.89 10.31 -8.73
C ALA A 9 3.68 9.41 -8.63
N LEU A 10 3.29 9.07 -7.40
CA LEU A 10 2.16 8.18 -7.21
C LEU A 10 0.92 8.81 -7.80
N PHE A 11 0.76 10.10 -7.58
CA PHE A 11 -0.38 10.82 -8.09
C PHE A 11 -0.46 10.62 -9.59
N LEU A 12 0.61 10.97 -10.28
CA LEU A 12 0.55 10.99 -11.72
C LEU A 12 0.45 9.57 -12.26
N ILE A 13 1.01 8.61 -11.55
CA ILE A 13 0.97 7.24 -12.02
C ILE A 13 -0.44 6.71 -11.94
N LEU A 14 -1.07 6.86 -10.79
CA LEU A 14 -2.41 6.36 -10.60
C LEU A 14 -3.37 7.06 -11.54
N PHE A 15 -3.24 8.38 -11.61
CA PHE A 15 -4.10 9.16 -12.48
C PHE A 15 -3.93 8.65 -13.90
N THR A 16 -2.68 8.47 -14.29
CA THR A 16 -2.31 7.95 -15.59
C THR A 16 -3.02 6.64 -15.84
N GLY A 17 -3.04 5.81 -14.83
CA GLY A 17 -3.59 4.49 -14.99
C GLY A 17 -5.07 4.63 -15.24
N VAL A 18 -5.68 5.55 -14.52
CA VAL A 18 -7.10 5.78 -14.63
C VAL A 18 -7.44 6.18 -16.04
N ILE A 19 -6.74 7.19 -16.52
CA ILE A 19 -6.94 7.69 -17.87
C ILE A 19 -6.76 6.58 -18.89
N SER A 20 -5.73 5.77 -18.68
CA SER A 20 -5.43 4.69 -19.58
C SER A 20 -6.56 3.69 -19.61
N MET A 21 -7.16 3.44 -18.45
CA MET A 21 -8.27 2.52 -18.38
C MET A 21 -9.47 3.13 -19.07
N LEU A 22 -9.54 4.45 -19.07
CA LEU A 22 -10.63 5.12 -19.73
C LEU A 22 -10.52 4.93 -21.22
N ILE A 23 -9.38 5.34 -21.78
CA ILE A 23 -9.19 5.26 -23.21
C ILE A 23 -9.27 3.83 -23.68
N SER A 24 -8.78 2.90 -22.85
CA SER A 24 -8.89 1.50 -23.19
C SER A 24 -10.35 1.07 -23.18
N ARG A 25 -11.11 1.63 -22.26
CA ARG A 25 -12.52 1.29 -22.12
C ARG A 25 -13.32 1.74 -23.32
N ARG A 26 -13.18 3.00 -23.69
CA ARG A 26 -13.99 3.57 -24.76
C ARG A 26 -13.47 3.25 -26.16
N THR A 27 -12.19 2.90 -26.28
CA THR A 27 -11.65 2.52 -27.58
C THR A 27 -11.68 1.02 -27.75
N GLY A 28 -11.87 0.31 -26.64
CA GLY A 28 -11.96 -1.15 -26.68
C GLY A 28 -10.61 -1.82 -26.75
N ILE A 29 -9.57 -1.02 -26.98
CA ILE A 29 -8.22 -1.55 -27.07
C ILE A 29 -7.75 -2.01 -25.71
N SER A 30 -6.90 -3.02 -25.69
CA SER A 30 -6.38 -3.55 -24.45
C SER A 30 -5.61 -2.45 -23.73
N TYR A 31 -5.65 -2.49 -22.41
CA TYR A 31 -5.14 -1.40 -21.62
C TYR A 31 -3.64 -1.41 -21.47
N VAL A 32 -3.04 -2.60 -21.56
CA VAL A 32 -1.61 -2.74 -21.30
C VAL A 32 -0.69 -1.86 -22.15
N PRO A 33 -0.83 -1.92 -23.49
CA PRO A 33 0.08 -1.10 -24.26
C PRO A 33 -0.13 0.37 -23.97
N ILE A 34 -1.35 0.74 -23.66
CA ILE A 34 -1.65 2.11 -23.32
C ILE A 34 -0.90 2.46 -22.05
N PHE A 35 -0.85 1.50 -21.14
CA PHE A 35 -0.15 1.69 -19.89
C PHE A 35 1.28 2.02 -20.23
N ILE A 36 1.89 1.14 -21.00
CA ILE A 36 3.31 1.24 -21.25
C ILE A 36 3.66 2.53 -21.95
N LEU A 37 2.88 2.86 -22.96
CA LEU A 37 3.10 4.08 -23.71
C LEU A 37 2.94 5.34 -22.85
N THR A 38 1.98 5.31 -21.94
CA THR A 38 1.70 6.49 -21.13
C THR A 38 2.88 6.66 -20.19
N GLY A 39 3.29 5.56 -19.58
CA GLY A 39 4.48 5.57 -18.76
C GLY A 39 5.67 6.13 -19.52
N LEU A 40 5.78 5.75 -20.79
CA LEU A 40 6.80 6.29 -21.67
C LEU A 40 6.71 7.79 -21.67
N VAL A 41 5.50 8.30 -21.88
CA VAL A 41 5.28 9.74 -21.88
C VAL A 41 5.80 10.35 -20.62
N ILE A 42 5.41 9.76 -19.49
CA ILE A 42 5.65 10.40 -18.22
C ILE A 42 7.12 10.47 -17.81
N GLY A 43 7.88 9.42 -18.11
CA GLY A 43 9.25 9.34 -17.64
C GLY A 43 10.23 10.10 -18.51
N PRO A 44 10.68 9.46 -19.60
CA PRO A 44 11.64 10.06 -20.52
C PRO A 44 11.08 11.22 -21.36
N LEU A 45 9.90 11.07 -21.95
CA LEU A 45 9.39 12.08 -22.87
C LEU A 45 9.28 13.47 -22.24
N LEU A 46 8.57 13.56 -21.13
CA LEU A 46 8.41 14.83 -20.46
C LEU A 46 9.55 15.10 -19.52
N LYS A 47 10.38 14.09 -19.32
CA LYS A 47 11.43 14.15 -18.32
C LYS A 47 10.87 14.49 -16.94
N LEU A 48 9.58 14.21 -16.75
CA LEU A 48 8.86 14.54 -15.53
C LEU A 48 9.34 13.70 -14.38
N ILE A 49 9.56 12.43 -14.65
CA ILE A 49 9.99 11.49 -13.63
C ILE A 49 11.44 11.08 -13.79
N PRO A 50 12.22 11.23 -12.72
CA PRO A 50 13.61 10.80 -12.78
C PRO A 50 13.60 9.30 -12.98
N ARG A 51 14.26 8.85 -14.03
CA ARG A 51 14.24 7.45 -14.39
C ARG A 51 14.72 6.59 -13.22
N ASP A 52 15.72 7.09 -12.51
CA ASP A 52 16.36 6.31 -11.47
C ASP A 52 15.50 6.19 -10.22
N LEU A 53 14.76 7.25 -9.92
CA LEU A 53 13.83 7.17 -8.82
C LEU A 53 12.78 6.15 -9.17
N ALA A 54 12.30 6.23 -10.40
CA ALA A 54 11.32 5.28 -10.89
C ALA A 54 11.87 3.87 -10.74
N HIS A 55 13.18 3.76 -10.90
CA HIS A 55 13.85 2.49 -10.74
C HIS A 55 13.81 2.05 -9.29
N GLU A 56 13.91 3.01 -8.38
CA GLU A 56 13.84 2.70 -6.97
C GLU A 56 12.47 2.16 -6.63
N ILE A 57 11.46 2.90 -7.05
CA ILE A 57 10.08 2.52 -6.80
C ILE A 57 9.85 1.14 -7.37
N PHE A 58 10.42 0.90 -8.53
CA PHE A 58 10.29 -0.38 -9.17
C PHE A 58 10.93 -1.43 -8.30
N ASP A 59 12.02 -1.07 -7.64
CA ASP A 59 12.69 -2.01 -6.76
C ASP A 59 11.77 -2.32 -5.61
N PHE A 60 10.92 -1.37 -5.26
CA PHE A 60 9.97 -1.60 -4.19
C PHE A 60 8.89 -2.55 -4.67
N VAL A 61 8.29 -2.23 -5.80
CA VAL A 61 7.12 -2.95 -6.28
C VAL A 61 7.46 -4.37 -6.68
N ARG A 62 8.67 -4.55 -7.20
CA ARG A 62 9.09 -5.82 -7.76
C ARG A 62 8.87 -6.99 -6.81
N VAL A 63 8.85 -6.72 -5.51
CA VAL A 63 8.60 -7.79 -4.59
C VAL A 63 7.18 -7.77 -4.05
N PHE A 64 6.73 -6.62 -3.61
CA PHE A 64 5.47 -6.55 -2.90
C PHE A 64 4.30 -6.63 -3.85
N GLY A 65 4.34 -5.80 -4.87
CA GLY A 65 3.32 -5.81 -5.89
C GLY A 65 3.18 -7.20 -6.45
N LEU A 66 4.30 -7.85 -6.70
CA LEU A 66 4.27 -9.18 -7.24
C LEU A 66 3.67 -10.15 -6.25
N VAL A 67 4.04 -10.02 -4.99
CA VAL A 67 3.51 -10.94 -4.00
C VAL A 67 1.99 -10.84 -3.97
N ILE A 68 1.49 -9.62 -3.91
CA ILE A 68 0.07 -9.43 -3.84
C ILE A 68 -0.60 -9.98 -5.07
N ILE A 69 -0.11 -9.57 -6.23
CA ILE A 69 -0.68 -10.00 -7.49
C ILE A 69 -0.76 -11.50 -7.60
N LEU A 70 0.34 -12.17 -7.29
CA LEU A 70 0.37 -13.61 -7.42
C LEU A 70 -0.52 -14.27 -6.39
N PHE A 71 -0.66 -13.64 -5.23
CA PHE A 71 -1.51 -14.19 -4.20
C PHE A 71 -2.96 -14.19 -4.68
N THR A 72 -3.41 -13.02 -5.12
CA THR A 72 -4.77 -12.89 -5.60
C THR A 72 -5.00 -13.80 -6.79
N GLU A 73 -3.99 -13.93 -7.63
CA GLU A 73 -4.07 -14.87 -8.74
C GLU A 73 -4.32 -16.26 -8.19
N GLY A 74 -3.63 -16.59 -7.10
CA GLY A 74 -3.75 -17.90 -6.50
C GLY A 74 -5.16 -18.13 -6.02
N HIS A 75 -5.78 -17.06 -5.55
CA HIS A 75 -7.17 -17.14 -5.14
C HIS A 75 -8.07 -17.52 -6.29
N ASN A 76 -8.06 -16.72 -7.34
CA ASN A 76 -8.92 -16.97 -8.48
C ASN A 76 -8.52 -18.25 -9.21
N LEU A 77 -8.84 -19.38 -8.61
CA LEU A 77 -8.46 -20.66 -9.19
C LEU A 77 -9.43 -21.77 -8.81
N SER A 78 -9.59 -22.75 -9.71
CA SER A 78 -10.45 -23.89 -9.44
C SER A 78 -9.63 -25.17 -9.38
N TRP A 79 -9.58 -25.77 -8.20
CA TRP A 79 -8.82 -26.98 -7.99
C TRP A 79 -9.31 -28.09 -8.90
N ARG A 80 -10.61 -28.13 -9.10
CA ARG A 80 -11.21 -29.16 -9.92
C ARG A 80 -10.64 -29.08 -11.33
N LEU A 81 -10.75 -27.91 -11.93
CA LEU A 81 -10.35 -27.71 -13.30
C LEU A 81 -8.86 -27.97 -13.46
N LEU A 82 -8.13 -27.87 -12.36
CA LEU A 82 -6.72 -28.20 -12.37
C LEU A 82 -6.61 -29.71 -12.42
N LYS A 83 -7.39 -30.35 -11.56
CA LYS A 83 -7.33 -31.79 -11.41
C LYS A 83 -7.62 -32.46 -12.73
N LYS A 84 -8.47 -31.83 -13.53
CA LYS A 84 -8.79 -32.38 -14.83
C LYS A 84 -7.55 -32.51 -15.71
N ASN A 85 -6.85 -31.40 -15.89
CA ASN A 85 -5.69 -31.41 -16.79
C ASN A 85 -4.38 -31.20 -16.07
N MET A 86 -4.29 -31.68 -14.84
CA MET A 86 -3.05 -31.57 -14.09
C MET A 86 -1.81 -32.04 -14.83
N PRO A 87 -1.88 -33.18 -15.54
CA PRO A 87 -0.67 -33.55 -16.27
C PRO A 87 -0.34 -32.58 -17.38
N THR A 88 -1.35 -32.11 -18.09
CA THR A 88 -1.12 -31.17 -19.17
C THR A 88 -0.41 -29.95 -18.62
N ILE A 89 -0.98 -29.42 -17.54
CA ILE A 89 -0.42 -28.26 -16.89
C ILE A 89 1.01 -28.49 -16.46
N VAL A 90 1.22 -29.52 -15.64
CA VAL A 90 2.53 -29.80 -15.10
C VAL A 90 3.56 -29.91 -16.20
N THR A 91 3.18 -30.60 -17.27
CA THR A 91 4.10 -30.75 -18.40
C THR A 91 4.34 -29.42 -19.05
N LEU A 92 3.37 -28.53 -18.96
CA LEU A 92 3.47 -27.27 -19.66
C LEU A 92 4.30 -26.26 -18.88
N ASP A 93 4.31 -26.39 -17.56
CA ASP A 93 4.95 -25.39 -16.72
C ASP A 93 6.34 -25.78 -16.29
N THR A 94 6.69 -27.05 -16.46
CA THR A 94 8.05 -27.44 -16.13
C THR A 94 8.81 -27.53 -17.42
N ILE A 95 8.56 -28.59 -18.16
CA ILE A 95 9.31 -28.87 -19.36
C ILE A 95 9.12 -27.76 -20.37
N GLY A 96 7.87 -27.42 -20.64
CA GLY A 96 7.57 -26.41 -21.63
C GLY A 96 8.23 -25.09 -21.30
N LEU A 97 8.10 -24.68 -20.06
CA LEU A 97 8.62 -23.39 -19.63
C LEU A 97 10.12 -23.34 -19.82
N ILE A 98 10.79 -24.32 -19.23
CA ILE A 98 12.24 -24.39 -19.29
C ILE A 98 12.71 -24.39 -20.74
N LEU A 99 12.07 -25.21 -21.55
CA LEU A 99 12.41 -25.29 -22.95
C LEU A 99 12.28 -23.94 -23.60
N THR A 100 11.22 -23.23 -23.25
CA THR A 100 10.98 -21.93 -23.81
C THR A 100 12.14 -21.02 -23.46
N ALA A 101 12.58 -21.11 -22.22
CA ALA A 101 13.68 -20.30 -21.74
C ALA A 101 14.91 -20.58 -22.57
N LEU A 102 15.26 -21.85 -22.70
CA LEU A 102 16.45 -22.21 -23.44
C LEU A 102 16.40 -21.67 -24.85
N ILE A 103 15.29 -21.95 -25.54
CA ILE A 103 15.15 -21.54 -26.92
C ILE A 103 15.34 -20.05 -27.06
N ALA A 104 14.66 -19.30 -26.19
CA ALA A 104 14.78 -17.86 -26.20
C ALA A 104 16.24 -17.49 -26.02
N GLY A 105 16.93 -18.27 -25.20
CA GLY A 105 18.32 -18.02 -24.93
C GLY A 105 19.14 -18.15 -26.20
N PHE A 106 18.89 -19.22 -26.93
CA PHE A 106 19.60 -19.49 -28.16
C PHE A 106 19.38 -18.33 -29.11
N ILE A 107 18.13 -17.87 -29.15
CA ILE A 107 17.78 -16.75 -30.01
C ILE A 107 18.57 -15.51 -29.67
N PHE A 108 18.48 -15.12 -28.41
CA PHE A 108 19.16 -13.93 -27.92
C PHE A 108 20.64 -14.01 -28.23
N LYS A 109 21.21 -15.18 -28.02
CA LYS A 109 22.62 -15.40 -28.27
C LYS A 109 22.93 -15.12 -29.72
N VAL A 110 22.24 -15.84 -30.59
CA VAL A 110 22.56 -15.75 -32.00
C VAL A 110 22.06 -14.46 -32.63
N VAL A 111 21.49 -13.58 -31.83
CA VAL A 111 21.05 -12.29 -32.38
C VAL A 111 21.86 -11.14 -31.80
N PHE A 112 22.53 -11.38 -30.69
CA PHE A 112 23.27 -10.32 -30.02
C PHE A 112 24.70 -10.74 -29.71
N ASN A 113 25.03 -11.96 -30.06
CA ASN A 113 26.36 -12.51 -29.80
C ASN A 113 26.69 -12.58 -28.30
N SER A 114 25.66 -12.41 -27.48
CA SER A 114 25.85 -12.41 -26.04
C SER A 114 26.14 -13.81 -25.57
N SER A 115 26.63 -13.93 -24.35
CA SER A 115 26.86 -15.23 -23.78
C SER A 115 25.53 -15.93 -23.61
N PHE A 116 25.56 -17.25 -23.77
CA PHE A 116 24.36 -18.06 -23.64
C PHE A 116 23.68 -17.87 -22.30
N LEU A 117 24.45 -17.56 -21.28
CA LEU A 117 23.89 -17.34 -19.96
C LEU A 117 22.99 -16.12 -19.97
N LEU A 118 23.45 -15.06 -20.63
CA LEU A 118 22.66 -13.83 -20.70
C LEU A 118 21.36 -14.10 -21.43
N GLY A 119 21.47 -14.84 -22.52
CA GLY A 119 20.31 -15.17 -23.31
C GLY A 119 19.32 -15.93 -22.46
N PHE A 120 19.83 -16.90 -21.72
CA PHE A 120 18.99 -17.72 -20.90
C PHE A 120 18.32 -16.89 -19.83
N LEU A 121 19.01 -15.86 -19.37
CA LEU A 121 18.46 -14.95 -18.39
C LEU A 121 17.28 -14.25 -19.01
N PHE A 122 17.48 -13.81 -20.24
CA PHE A 122 16.42 -13.13 -20.97
C PHE A 122 15.22 -14.03 -21.09
N GLY A 123 15.48 -15.30 -21.39
CA GLY A 123 14.43 -16.27 -21.54
C GLY A 123 13.66 -16.43 -20.26
N ALA A 124 14.38 -16.57 -19.16
CA ALA A 124 13.76 -16.79 -17.87
C ALA A 124 12.89 -15.60 -17.55
N ILE A 125 13.36 -14.42 -17.90
CA ILE A 125 12.59 -13.22 -17.63
C ILE A 125 11.31 -13.21 -18.43
N ILE A 126 11.39 -13.60 -19.70
CA ILE A 126 10.24 -13.54 -20.57
C ILE A 126 9.44 -14.83 -20.52
N GLY A 127 9.71 -15.65 -19.52
CA GLY A 127 9.01 -16.91 -19.42
C GLY A 127 7.53 -16.71 -19.14
N ALA A 128 7.23 -16.20 -17.95
CA ALA A 128 5.87 -16.14 -17.45
C ALA A 128 4.91 -15.40 -18.35
N THR A 129 3.66 -15.83 -18.34
CA THR A 129 2.64 -15.24 -19.18
C THR A 129 1.46 -14.81 -18.35
N ASP A 130 0.74 -13.81 -18.85
CA ASP A 130 -0.45 -13.32 -18.19
C ASP A 130 -1.40 -12.73 -19.19
N PRO A 131 -2.39 -13.51 -19.61
CA PRO A 131 -3.33 -13.20 -20.68
C PRO A 131 -4.63 -12.62 -20.14
N ALA A 132 -4.56 -11.89 -19.04
CA ALA A 132 -5.76 -11.35 -18.43
C ALA A 132 -6.52 -10.44 -19.38
N THR A 133 -5.83 -9.96 -20.41
CA THR A 133 -6.45 -9.07 -21.37
C THR A 133 -7.18 -9.88 -22.41
N LEU A 134 -6.90 -11.18 -22.45
CA LEU A 134 -7.46 -12.03 -23.48
C LEU A 134 -8.83 -12.51 -23.08
N ILE A 135 -9.01 -12.66 -21.77
CA ILE A 135 -10.27 -13.15 -21.20
C ILE A 135 -11.53 -12.52 -21.78
N PRO A 136 -11.59 -11.18 -21.86
CA PRO A 136 -12.81 -10.61 -22.42
C PRO A 136 -13.03 -11.09 -23.84
N LEU A 137 -11.94 -11.17 -24.59
CA LEU A 137 -12.03 -11.62 -25.97
C LEU A 137 -12.42 -13.08 -26.01
N PHE A 138 -12.04 -13.81 -24.97
CA PHE A 138 -12.40 -15.21 -24.88
C PHE A 138 -13.90 -15.36 -24.73
N ARG A 139 -14.46 -14.71 -23.72
CA ARG A 139 -15.89 -14.82 -23.48
C ARG A 139 -16.70 -14.15 -24.59
N GLN A 140 -16.05 -13.28 -25.36
CA GLN A 140 -16.74 -12.55 -26.41
C GLN A 140 -16.80 -13.39 -27.68
N TYR A 141 -15.65 -13.89 -28.12
CA TYR A 141 -15.59 -14.68 -29.33
C TYR A 141 -15.86 -16.15 -29.04
N ARG A 142 -16.21 -16.42 -27.78
CA ARG A 142 -16.69 -17.73 -27.37
C ARG A 142 -15.69 -18.84 -27.64
N VAL A 143 -14.48 -18.68 -27.13
CA VAL A 143 -13.48 -19.72 -27.23
C VAL A 143 -13.88 -20.83 -26.26
N LYS A 144 -13.48 -22.05 -26.59
CA LYS A 144 -13.88 -23.21 -25.81
C LYS A 144 -13.40 -23.08 -24.37
N GLN A 145 -14.30 -23.41 -23.44
CA GLN A 145 -14.06 -23.21 -22.02
C GLN A 145 -12.77 -23.84 -21.54
N ASP A 146 -12.64 -25.16 -21.72
CA ASP A 146 -11.51 -25.90 -21.20
C ASP A 146 -10.17 -25.32 -21.63
N ILE A 147 -10.12 -24.84 -22.86
CA ILE A 147 -8.93 -24.17 -23.37
C ILE A 147 -8.59 -22.97 -22.50
N GLU A 148 -9.56 -22.08 -22.35
CA GLU A 148 -9.39 -20.90 -21.53
C GLU A 148 -8.89 -21.31 -20.15
N THR A 149 -9.48 -22.37 -19.62
CA THR A 149 -9.14 -22.79 -18.27
C THR A 149 -7.69 -23.22 -18.20
N VAL A 150 -7.25 -24.03 -19.16
CA VAL A 150 -5.91 -24.55 -19.07
C VAL A 150 -4.88 -23.48 -19.31
N ILE A 151 -5.24 -22.50 -20.14
CA ILE A 151 -4.31 -21.42 -20.40
C ILE A 151 -4.16 -20.58 -19.15
N VAL A 152 -5.29 -20.26 -18.54
CA VAL A 152 -5.27 -19.45 -17.34
C VAL A 152 -4.46 -20.14 -16.27
N THR A 153 -4.79 -21.41 -16.02
CA THR A 153 -4.11 -22.18 -15.00
C THR A 153 -2.64 -22.33 -15.36
N GLU A 154 -2.33 -22.20 -16.63
CA GLU A 154 -0.95 -22.19 -17.06
C GLU A 154 -0.30 -20.92 -16.56
N SER A 155 -0.96 -19.80 -16.77
CA SER A 155 -0.39 -18.50 -16.40
C SER A 155 -0.14 -18.42 -14.91
N ILE A 156 -1.15 -18.78 -14.14
CA ILE A 156 -1.09 -18.66 -12.70
C ILE A 156 0.11 -19.41 -12.14
N PHE A 157 0.51 -20.45 -12.83
CA PHE A 157 1.64 -21.24 -12.38
C PHE A 157 2.95 -20.78 -12.98
N ASN A 158 2.90 -20.19 -14.16
CA ASN A 158 4.13 -19.78 -14.80
C ASN A 158 4.67 -18.49 -14.21
N ASP A 159 3.76 -17.67 -13.71
CA ASP A 159 4.15 -16.44 -13.09
C ASP A 159 5.21 -16.63 -12.01
N PRO A 160 4.97 -17.52 -11.04
CA PRO A 160 6.03 -17.61 -10.04
C PRO A 160 7.21 -18.42 -10.53
N LEU A 161 6.95 -19.42 -11.35
CA LEU A 161 8.04 -20.25 -11.84
C LEU A 161 8.88 -19.44 -12.78
N GLY A 162 8.28 -18.41 -13.35
CA GLY A 162 8.99 -17.53 -14.25
C GLY A 162 9.97 -16.68 -13.50
N ILE A 163 9.87 -16.70 -12.18
CA ILE A 163 10.70 -15.85 -11.37
C ILE A 163 11.96 -16.57 -10.94
N VAL A 164 11.78 -17.77 -10.41
CA VAL A 164 12.91 -18.54 -9.90
C VAL A 164 13.97 -18.71 -10.98
N LEU A 165 13.54 -19.05 -12.19
CA LEU A 165 14.47 -19.25 -13.29
C LEU A 165 15.30 -18.02 -13.53
N THR A 166 14.72 -16.85 -13.31
CA THR A 166 15.49 -15.63 -13.45
C THR A 166 16.53 -15.61 -12.35
N LEU A 167 16.08 -15.86 -11.13
CA LEU A 167 16.98 -15.86 -9.99
C LEU A 167 18.07 -16.89 -10.19
N ILE A 168 17.77 -17.92 -10.95
CA ILE A 168 18.77 -18.93 -11.27
C ILE A 168 19.86 -18.30 -12.08
N ALA A 169 19.51 -17.83 -13.27
CA ALA A 169 20.48 -17.27 -14.19
C ALA A 169 21.21 -16.13 -13.51
N ILE A 170 20.47 -15.34 -12.75
CA ILE A 170 21.09 -14.25 -12.03
C ILE A 170 22.11 -14.81 -11.06
N SER A 171 21.74 -15.85 -10.34
CA SER A 171 22.66 -16.45 -9.39
C SER A 171 23.86 -16.99 -10.12
N MET A 172 23.65 -17.39 -11.37
CA MET A 172 24.72 -17.96 -12.16
C MET A 172 25.69 -16.88 -12.59
N LEU A 173 25.19 -15.66 -12.69
CA LEU A 173 26.03 -14.55 -13.13
C LEU A 173 26.93 -14.09 -12.01
N VAL A 174 26.36 -13.97 -10.82
CA VAL A 174 27.16 -13.66 -9.66
C VAL A 174 28.10 -14.81 -9.41
N PRO A 175 29.40 -14.54 -9.44
CA PRO A 175 30.44 -15.56 -9.35
C PRO A 175 30.31 -16.45 -8.12
N GLY A 176 29.90 -15.87 -7.00
CA GLY A 176 29.78 -16.63 -5.77
C GLY A 176 28.56 -17.53 -5.78
N TYR A 177 27.69 -17.33 -6.75
CA TYR A 177 26.44 -18.07 -6.86
C TYR A 177 25.59 -17.93 -5.61
N GLY A 178 25.82 -16.86 -4.87
CA GLY A 178 25.07 -16.61 -3.65
C GLY A 178 25.44 -17.54 -2.52
N GLY A 179 26.29 -18.52 -2.82
CA GLY A 179 26.73 -19.47 -1.82
C GLY A 179 25.56 -20.28 -1.31
N GLY A 180 24.56 -20.42 -2.15
CA GLY A 180 23.34 -21.09 -1.77
C GLY A 180 23.37 -22.56 -2.06
N ILE A 181 22.21 -23.18 -1.99
CA ILE A 181 22.08 -24.60 -2.25
C ILE A 181 22.49 -24.87 -3.68
N PHE A 182 21.97 -24.04 -4.58
CA PHE A 182 22.23 -24.21 -6.00
C PHE A 182 23.71 -24.18 -6.29
N SER A 183 24.44 -23.39 -5.51
CA SER A 183 25.87 -23.29 -5.70
C SER A 183 26.47 -24.65 -5.45
N THR A 184 26.13 -25.21 -4.31
CA THR A 184 26.65 -26.49 -3.90
C THR A 184 26.31 -27.54 -4.93
N LEU A 185 25.05 -27.63 -5.30
CA LEU A 185 24.59 -28.62 -6.25
C LEU A 185 25.34 -28.47 -7.56
N SER A 186 25.59 -27.24 -7.95
CA SER A 186 26.27 -26.97 -9.21
C SER A 186 27.70 -27.44 -9.09
N GLU A 187 28.23 -27.37 -7.89
CA GLU A 187 29.62 -27.73 -7.68
C GLU A 187 29.77 -29.23 -7.67
N LYS A 188 28.78 -29.93 -7.14
CA LYS A 188 28.89 -31.37 -7.01
C LYS A 188 28.34 -32.15 -8.20
N LEU A 189 27.54 -31.49 -9.03
CA LEU A 189 26.84 -32.19 -10.11
C LEU A 189 26.78 -31.39 -11.39
N GLY A 190 27.46 -30.26 -11.43
CA GLY A 190 27.43 -29.42 -12.61
C GLY A 190 26.23 -28.51 -12.57
N ILE A 191 26.28 -27.46 -13.36
CA ILE A 191 25.24 -26.45 -13.35
C ILE A 191 23.91 -26.97 -13.85
N TYR A 192 23.93 -27.85 -14.83
CA TYR A 192 22.69 -28.38 -15.39
C TYR A 192 21.96 -29.21 -14.36
N ALA A 193 22.57 -30.32 -13.97
CA ALA A 193 21.97 -31.24 -13.01
C ALA A 193 21.65 -30.51 -11.73
N GLY A 194 22.62 -29.77 -11.22
CA GLY A 194 22.44 -29.02 -10.00
C GLY A 194 21.25 -28.10 -10.10
N GLY A 195 21.09 -27.49 -11.28
CA GLY A 195 20.02 -26.56 -11.50
C GLY A 195 18.69 -27.27 -11.46
N VAL A 196 18.64 -28.44 -12.08
CA VAL A 196 17.42 -29.23 -12.11
C VAL A 196 17.02 -29.62 -10.70
N ILE A 197 17.93 -30.28 -10.00
CA ILE A 197 17.65 -30.70 -8.63
C ILE A 197 17.23 -29.53 -7.79
N TYR A 198 17.88 -28.39 -7.99
CA TYR A 198 17.56 -27.20 -7.23
C TYR A 198 16.14 -26.78 -7.52
N PHE A 199 15.75 -26.90 -8.77
CA PHE A 199 14.43 -26.50 -9.19
C PHE A 199 13.41 -27.37 -8.48
N LEU A 200 13.66 -28.67 -8.50
CA LEU A 200 12.73 -29.61 -7.87
C LEU A 200 12.61 -29.34 -6.38
N TYR A 201 13.75 -29.09 -5.74
CA TYR A 201 13.79 -28.79 -4.33
C TYR A 201 12.89 -27.59 -4.08
N ASN A 202 13.16 -26.54 -4.84
CA ASN A 202 12.45 -25.29 -4.72
C ASN A 202 10.97 -25.50 -4.79
N VAL A 203 10.52 -26.06 -5.89
CA VAL A 203 9.10 -26.26 -6.12
C VAL A 203 8.47 -27.10 -5.03
N SER A 204 9.12 -28.21 -4.71
CA SER A 204 8.61 -29.14 -3.72
C SER A 204 8.37 -28.44 -2.40
N VAL A 205 9.43 -27.88 -1.86
CA VAL A 205 9.36 -27.27 -0.55
C VAL A 205 8.36 -26.14 -0.56
N SER A 206 8.36 -25.38 -1.65
CA SER A 206 7.50 -24.22 -1.78
C SER A 206 6.05 -24.64 -1.71
N ILE A 207 5.71 -25.70 -2.40
CA ILE A 207 4.33 -26.11 -2.45
C ILE A 207 3.91 -26.74 -1.14
N SER A 208 4.76 -27.58 -0.61
CA SER A 208 4.45 -28.25 0.64
C SER A 208 4.19 -27.21 1.70
N LEU A 209 5.15 -26.32 1.87
CA LEU A 209 5.05 -25.29 2.88
C LEU A 209 3.90 -24.37 2.55
N GLY A 210 3.60 -24.27 1.27
CA GLY A 210 2.53 -23.42 0.79
C GLY A 210 1.22 -23.91 1.35
N ILE A 211 0.86 -25.14 0.98
CA ILE A 211 -0.39 -25.71 1.40
C ILE A 211 -0.41 -25.81 2.91
N PHE A 212 0.76 -25.96 3.49
CA PHE A 212 0.87 -26.03 4.92
C PHE A 212 0.35 -24.73 5.50
N LEU A 213 0.86 -23.62 4.98
CA LEU A 213 0.49 -22.33 5.51
C LEU A 213 -0.94 -21.97 5.18
N GLY A 214 -1.43 -22.48 4.06
CA GLY A 214 -2.80 -22.23 3.69
C GLY A 214 -3.70 -22.88 4.71
N ILE A 215 -3.45 -24.16 4.96
CA ILE A 215 -4.24 -24.91 5.90
C ILE A 215 -4.16 -24.26 7.26
N LEU A 216 -2.95 -23.91 7.67
CA LEU A 216 -2.74 -23.27 8.96
C LEU A 216 -3.56 -22.00 9.02
N GLY A 217 -3.70 -21.35 7.87
CA GLY A 217 -4.41 -20.10 7.79
C GLY A 217 -5.88 -20.30 8.03
N TYR A 218 -6.45 -21.23 7.28
CA TYR A 218 -7.87 -21.55 7.40
C TYR A 218 -8.19 -21.96 8.82
N LYS A 219 -7.41 -22.88 9.34
CA LYS A 219 -7.57 -23.35 10.69
C LYS A 219 -7.55 -22.18 11.67
N PHE A 220 -6.61 -21.27 11.46
CA PHE A 220 -6.51 -20.10 12.29
C PHE A 220 -7.80 -19.32 12.22
N ILE A 221 -8.38 -19.22 11.04
CA ILE A 221 -9.61 -18.48 10.90
C ILE A 221 -10.69 -19.15 11.74
N LYS A 222 -10.79 -20.46 11.62
CA LYS A 222 -11.78 -21.21 12.38
C LYS A 222 -11.66 -20.94 13.86
N ARG A 223 -10.49 -21.18 14.41
CA ARG A 223 -10.30 -21.00 15.84
C ARG A 223 -10.60 -19.57 16.25
N THR A 224 -10.19 -18.63 15.42
CA THR A 224 -10.27 -17.22 15.76
C THR A 224 -11.60 -16.65 15.37
N GLY A 225 -12.21 -17.23 14.35
CA GLY A 225 -13.50 -16.76 13.90
C GLY A 225 -13.49 -15.30 13.52
N ILE A 226 -12.67 -14.95 12.54
CA ILE A 226 -12.57 -13.58 12.07
C ILE A 226 -13.21 -13.47 10.70
N PHE A 227 -14.25 -12.66 10.60
CA PHE A 227 -15.06 -12.62 9.40
C PHE A 227 -15.25 -11.21 8.88
N ASP A 228 -14.65 -10.23 9.56
CA ASP A 228 -14.95 -8.83 9.27
C ASP A 228 -13.75 -8.04 8.80
N PHE A 229 -13.99 -7.03 7.97
CA PHE A 229 -12.96 -6.07 7.67
C PHE A 229 -12.73 -5.29 8.94
N PRO A 230 -11.51 -4.82 9.19
CA PRO A 230 -10.35 -5.04 8.34
C PRO A 230 -9.52 -6.23 8.80
N GLU A 231 -9.92 -6.84 9.91
CA GLU A 231 -9.13 -7.89 10.51
C GLU A 231 -8.79 -8.95 9.48
N ILE A 232 -9.78 -9.38 8.72
CA ILE A 232 -9.57 -10.46 7.78
C ILE A 232 -8.51 -10.08 6.76
N GLU A 233 -8.55 -8.86 6.24
CA GLU A 233 -7.62 -8.48 5.20
C GLU A 233 -6.20 -8.43 5.72
N ALA A 234 -6.03 -7.71 6.82
CA ALA A 234 -4.75 -7.60 7.47
C ALA A 234 -4.23 -9.01 7.61
N PHE A 235 -5.11 -9.92 8.02
CA PHE A 235 -4.67 -11.28 8.22
C PHE A 235 -4.14 -11.84 6.93
N SER A 236 -4.86 -11.58 5.86
CA SER A 236 -4.51 -12.19 4.58
C SER A 236 -3.12 -11.74 4.18
N LEU A 237 -2.94 -10.42 4.15
CA LEU A 237 -1.67 -9.86 3.75
C LEU A 237 -0.58 -10.44 4.61
N SER A 238 -0.84 -10.45 5.90
CA SER A 238 0.10 -10.96 6.89
C SER A 238 0.56 -12.34 6.49
N LEU A 239 -0.40 -13.19 6.20
CA LEU A 239 -0.11 -14.57 5.89
C LEU A 239 0.71 -14.64 4.62
N ALA A 240 0.35 -13.81 3.66
CA ALA A 240 1.01 -13.80 2.37
C ALA A 240 2.47 -13.55 2.59
N PHE A 241 2.76 -12.43 3.25
CA PHE A 241 4.13 -12.01 3.43
C PHE A 241 4.89 -12.93 4.36
N LEU A 242 4.17 -13.62 5.23
CA LEU A 242 4.80 -14.61 6.08
C LEU A 242 5.32 -15.71 5.20
N GLY A 243 4.42 -16.19 4.34
CA GLY A 243 4.76 -17.27 3.44
C GLY A 243 5.95 -16.88 2.61
N PHE A 244 5.93 -15.65 2.12
CA PHE A 244 6.99 -15.20 1.26
C PHE A 244 8.30 -15.17 1.99
N PHE A 245 8.27 -14.54 3.16
CA PHE A 245 9.44 -14.37 3.98
C PHE A 245 10.10 -15.69 4.29
N ILE A 246 9.33 -16.61 4.87
CA ILE A 246 9.85 -17.92 5.22
C ILE A 246 10.37 -18.62 3.98
N GLY A 247 9.59 -18.51 2.92
CA GLY A 247 9.92 -19.13 1.65
C GLY A 247 11.32 -18.77 1.24
N GLU A 248 11.58 -17.47 1.15
CA GLU A 248 12.89 -17.01 0.75
C GLU A 248 13.92 -17.34 1.81
N ARG A 249 13.49 -17.42 3.06
CA ARG A 249 14.42 -17.68 4.14
C ARG A 249 15.00 -19.07 3.97
N LEU A 250 14.24 -19.98 3.38
CA LEU A 250 14.75 -21.31 3.12
C LEU A 250 15.20 -21.44 1.68
N ASP A 251 15.56 -20.31 1.09
CA ASP A 251 16.05 -20.25 -0.28
C ASP A 251 15.03 -20.78 -1.29
N ALA A 252 13.76 -20.72 -0.93
CA ALA A 252 12.72 -21.14 -1.84
C ALA A 252 11.95 -19.93 -2.35
N SER A 253 11.36 -20.06 -3.52
CA SER A 253 10.60 -18.97 -4.09
C SER A 253 9.40 -18.64 -3.24
N GLY A 254 9.54 -17.63 -2.39
CA GLY A 254 8.43 -17.17 -1.56
C GLY A 254 7.22 -16.83 -2.39
N TYR A 255 7.44 -16.41 -3.63
CA TYR A 255 6.35 -16.10 -4.53
C TYR A 255 5.53 -17.35 -4.76
N LEU A 256 6.22 -18.46 -5.00
CA LEU A 256 5.56 -19.72 -5.24
C LEU A 256 4.74 -20.10 -4.02
N VAL A 257 5.32 -19.90 -2.85
CA VAL A 257 4.65 -20.23 -1.60
C VAL A 257 3.35 -19.46 -1.48
N ALA A 258 3.45 -18.15 -1.67
CA ALA A 258 2.30 -17.30 -1.52
C ALA A 258 1.23 -17.71 -2.50
N THR A 259 1.65 -18.02 -3.72
CA THR A 259 0.71 -18.38 -4.75
C THR A 259 -0.04 -19.62 -4.31
N VAL A 260 0.72 -20.60 -3.82
CA VAL A 260 0.12 -21.85 -3.37
C VAL A 260 -0.88 -21.62 -2.27
N THR A 261 -0.52 -20.81 -1.29
CA THR A 261 -1.46 -20.48 -0.23
C THR A 261 -2.70 -19.86 -0.84
N GLY A 262 -2.50 -19.08 -1.88
CA GLY A 262 -3.61 -18.44 -2.55
C GLY A 262 -4.51 -19.46 -3.18
N ILE A 263 -3.90 -20.54 -3.65
CA ILE A 263 -4.66 -21.63 -4.23
C ILE A 263 -5.46 -22.31 -3.15
N VAL A 264 -4.81 -22.51 -2.03
CA VAL A 264 -5.47 -23.15 -0.90
C VAL A 264 -6.70 -22.38 -0.52
N LEU A 265 -6.54 -21.10 -0.23
CA LEU A 265 -7.67 -20.30 0.21
C LEU A 265 -8.74 -20.21 -0.86
N GLY A 266 -8.33 -20.00 -2.10
CA GLY A 266 -9.27 -19.84 -3.20
C GLY A 266 -10.07 -21.10 -3.45
N ASN A 267 -9.48 -22.22 -3.09
CA ASN A 267 -10.12 -23.51 -3.27
C ASN A 267 -10.22 -24.24 -1.95
N TYR A 268 -11.01 -23.70 -1.03
CA TYR A 268 -11.20 -24.39 0.22
C TYR A 268 -12.65 -24.37 0.68
N LYS A 269 -13.44 -25.24 0.08
CA LYS A 269 -14.74 -25.57 0.60
C LYS A 269 -14.61 -26.96 1.18
N LEU A 270 -13.36 -27.40 1.31
CA LEU A 270 -13.06 -28.80 1.59
C LEU A 270 -13.41 -29.28 2.99
N LEU A 271 -13.00 -28.53 4.01
CA LEU A 271 -13.24 -28.98 5.38
C LEU A 271 -14.57 -28.47 5.92
N LYS A 272 -15.42 -28.00 5.02
CA LYS A 272 -16.76 -27.56 5.39
C LYS A 272 -17.63 -28.65 6.04
N PRO A 273 -17.67 -29.87 5.45
CA PRO A 273 -18.53 -30.88 6.08
C PRO A 273 -18.08 -31.28 7.48
N ARG A 274 -16.92 -30.82 7.91
CA ARG A 274 -16.46 -31.09 9.27
C ARG A 274 -17.31 -30.34 10.28
N GLU A 275 -17.32 -29.03 10.13
CA GLU A 275 -18.06 -28.16 11.05
C GLU A 275 -19.42 -27.85 10.48
N ASN A 276 -20.34 -27.39 11.34
CA ASN A 276 -21.66 -26.96 10.88
C ASN A 276 -21.54 -25.82 9.87
N ILE A 277 -22.11 -26.05 8.70
CA ILE A 277 -21.97 -25.15 7.56
C ILE A 277 -22.49 -23.74 7.85
N ARG A 278 -23.27 -23.62 8.92
CA ARG A 278 -23.89 -22.37 9.36
C ARG A 278 -22.98 -21.15 9.27
N ILE A 279 -21.90 -21.17 10.06
CA ILE A 279 -20.99 -20.05 10.10
C ILE A 279 -20.06 -20.11 8.88
N LEU A 280 -19.95 -21.31 8.34
CA LEU A 280 -19.02 -21.57 7.26
C LEU A 280 -19.40 -20.82 5.99
N LYS A 281 -20.71 -20.67 5.77
CA LYS A 281 -21.15 -19.90 4.63
C LYS A 281 -20.69 -18.47 4.80
N ARG A 282 -20.81 -17.96 6.02
CA ARG A 282 -20.42 -16.60 6.31
C ARG A 282 -18.94 -16.41 6.04
N LEU A 283 -18.13 -17.36 6.51
CA LEU A 283 -16.69 -17.21 6.26
C LEU A 283 -16.43 -17.30 4.79
N GLN A 284 -17.20 -18.11 4.08
CA GLN A 284 -17.01 -18.25 2.66
C GLN A 284 -17.19 -16.90 1.97
N ARG A 285 -18.31 -16.25 2.22
CA ARG A 285 -18.57 -14.97 1.57
C ARG A 285 -17.60 -13.88 2.03
N ALA A 286 -17.20 -13.95 3.30
CA ALA A 286 -16.23 -12.99 3.82
C ALA A 286 -14.94 -13.14 3.05
N ILE A 287 -14.56 -14.38 2.81
CA ILE A 287 -13.38 -14.66 2.04
C ILE A 287 -13.57 -14.10 0.66
N GLU A 288 -14.78 -14.23 0.13
CA GLU A 288 -15.06 -13.71 -1.20
C GLU A 288 -14.79 -12.21 -1.29
N LYS A 289 -15.35 -11.44 -0.37
CA LYS A 289 -15.18 -9.99 -0.42
C LYS A 289 -13.72 -9.64 -0.20
N GLU A 290 -13.07 -10.37 0.69
CA GLU A 290 -11.65 -10.17 0.93
C GLU A 290 -10.88 -10.34 -0.37
N VAL A 291 -11.19 -11.40 -1.09
CA VAL A 291 -10.57 -11.68 -2.36
C VAL A 291 -10.78 -10.52 -3.30
N HIS A 292 -12.00 -10.01 -3.35
CA HIS A 292 -12.28 -8.91 -4.27
C HIS A 292 -11.41 -7.71 -3.97
N PHE A 293 -11.35 -7.38 -2.69
CA PHE A 293 -10.52 -6.28 -2.22
C PHE A 293 -9.10 -6.48 -2.72
N ASN A 294 -8.56 -7.64 -2.43
CA ASN A 294 -7.21 -7.95 -2.85
C ASN A 294 -7.06 -7.90 -4.36
N ASP A 295 -8.15 -8.14 -5.07
CA ASP A 295 -8.10 -8.08 -6.52
C ASP A 295 -7.87 -6.66 -6.92
N THR A 296 -8.56 -5.76 -6.24
CA THR A 296 -8.38 -4.36 -6.52
C THR A 296 -6.94 -3.96 -6.28
N LEU A 297 -6.42 -4.35 -5.12
CA LEU A 297 -5.03 -4.07 -4.82
C LEU A 297 -4.13 -4.54 -5.95
N ALA A 298 -4.31 -5.77 -6.36
CA ALA A 298 -3.45 -6.37 -7.36
C ALA A 298 -3.56 -5.62 -8.67
N ALA A 299 -4.74 -5.07 -8.93
CA ALA A 299 -4.93 -4.30 -10.13
C ALA A 299 -4.08 -3.06 -10.03
N LEU A 300 -4.12 -2.43 -8.87
CA LEU A 300 -3.34 -1.23 -8.65
C LEU A 300 -1.88 -1.52 -8.91
N ALA A 301 -1.36 -2.53 -8.22
CA ALA A 301 0.04 -2.89 -8.36
C ALA A 301 0.37 -3.16 -9.81
N THR A 302 -0.57 -3.75 -10.52
CA THR A 302 -0.36 -4.05 -11.91
C THR A 302 -0.13 -2.77 -12.67
N ILE A 303 -0.99 -1.80 -12.41
CA ILE A 303 -0.86 -0.49 -13.07
C ILE A 303 0.50 0.09 -12.79
N PHE A 304 0.88 0.05 -11.51
CA PHE A 304 2.17 0.52 -11.09
C PHE A 304 3.23 -0.07 -11.99
N ILE A 305 3.27 -1.39 -12.03
CA ILE A 305 4.32 -2.10 -12.73
C ILE A 305 4.38 -1.70 -14.18
N PHE A 306 3.23 -1.72 -14.84
CA PHE A 306 3.22 -1.42 -16.25
C PHE A 306 3.71 -0.02 -16.54
N VAL A 307 3.08 0.95 -15.89
CA VAL A 307 3.40 2.34 -16.15
C VAL A 307 4.87 2.62 -15.86
N LEU A 308 5.35 2.11 -14.73
CA LEU A 308 6.73 2.29 -14.35
C LEU A 308 7.65 1.71 -15.40
N LEU A 309 7.29 0.55 -15.92
CA LEU A 309 8.08 -0.04 -16.99
C LEU A 309 8.13 0.94 -18.14
N GLY A 310 6.99 1.57 -18.41
CA GLY A 310 6.93 2.56 -19.46
C GLY A 310 7.89 3.70 -19.23
N ALA A 311 7.99 4.15 -17.99
CA ALA A 311 8.80 5.32 -17.67
C ALA A 311 10.28 5.02 -17.59
N GLU A 312 10.63 3.78 -17.28
CA GLU A 312 12.02 3.48 -16.97
C GLU A 312 12.90 3.35 -18.20
N MET A 313 12.32 2.94 -19.32
CA MET A 313 13.08 2.68 -20.53
C MET A 313 13.70 3.95 -21.08
N ASN A 314 14.68 3.80 -21.96
CA ASN A 314 15.28 4.95 -22.64
C ASN A 314 15.24 4.77 -24.15
N LEU A 315 14.65 5.74 -24.82
CA LEU A 315 14.31 5.59 -26.23
C LEU A 315 15.51 5.33 -27.13
N GLU A 316 16.68 5.81 -26.71
CA GLU A 316 17.87 5.67 -27.52
C GLU A 316 18.16 4.21 -27.77
N VAL A 317 18.29 3.48 -26.69
CA VAL A 317 18.66 2.08 -26.77
C VAL A 317 17.61 1.30 -27.49
N ILE A 318 16.36 1.53 -27.12
CA ILE A 318 15.28 0.74 -27.68
C ILE A 318 15.11 1.00 -29.16
N TRP A 319 15.46 2.21 -29.59
CA TRP A 319 15.33 2.53 -30.99
C TRP A 319 16.46 1.83 -31.70
N SER A 320 17.66 2.09 -31.24
CA SER A 320 18.87 1.56 -31.86
C SER A 320 18.85 0.05 -31.93
N ASN A 321 17.96 -0.58 -31.17
CA ASN A 321 17.93 -2.02 -31.12
C ASN A 321 16.56 -2.61 -31.39
N LEU A 322 15.63 -1.80 -31.88
CA LEU A 322 14.32 -2.34 -32.16
C LEU A 322 14.38 -3.18 -33.43
N GLY A 323 15.24 -2.79 -34.35
CA GLY A 323 15.37 -3.48 -35.61
C GLY A 323 15.61 -4.95 -35.38
N LYS A 324 16.34 -5.26 -34.33
CA LYS A 324 16.60 -6.63 -33.97
C LYS A 324 15.54 -7.09 -32.98
N GLY A 325 15.14 -6.17 -32.12
CA GLY A 325 14.21 -6.49 -31.04
C GLY A 325 12.93 -7.13 -31.54
N LEU A 326 12.30 -6.49 -32.51
CA LEU A 326 11.07 -7.01 -33.07
C LEU A 326 11.30 -8.41 -33.57
N LEU A 327 12.45 -8.62 -34.19
CA LEU A 327 12.76 -9.93 -34.75
C LEU A 327 12.87 -10.94 -33.63
N VAL A 328 13.37 -10.48 -32.49
CA VAL A 328 13.52 -11.38 -31.37
C VAL A 328 12.14 -11.78 -30.88
N ALA A 329 11.25 -10.80 -30.83
CA ALA A 329 9.90 -11.03 -30.34
C ALA A 329 9.15 -12.01 -31.24
N LEU A 330 9.07 -11.66 -32.52
CA LEU A 330 8.42 -12.54 -33.49
C LEU A 330 9.05 -13.89 -33.37
N GLY A 331 10.37 -13.91 -33.23
CA GLY A 331 11.10 -15.13 -33.07
C GLY A 331 10.57 -16.00 -31.95
N VAL A 332 10.41 -15.44 -30.77
CA VAL A 332 9.98 -16.26 -29.65
C VAL A 332 8.53 -16.66 -29.79
N MET A 333 7.72 -15.77 -30.35
CA MET A 333 6.31 -16.04 -30.47
C MET A 333 6.07 -17.17 -31.45
N ILE A 334 6.90 -17.23 -32.48
CA ILE A 334 6.68 -18.19 -33.55
C ILE A 334 7.44 -19.48 -33.33
N LEU A 335 8.53 -19.42 -32.59
CA LEU A 335 9.38 -20.59 -32.46
C LEU A 335 9.44 -21.14 -31.04
N ALA A 336 9.53 -20.26 -30.06
CA ALA A 336 9.80 -20.71 -28.70
C ALA A 336 8.65 -21.53 -28.15
N ARG A 337 7.46 -20.94 -28.13
CA ARG A 337 6.28 -21.64 -27.62
C ARG A 337 6.02 -22.99 -28.28
N PRO A 338 5.92 -23.05 -29.61
CA PRO A 338 5.53 -24.33 -30.19
C PRO A 338 6.52 -25.44 -29.89
N LEU A 339 7.80 -25.14 -30.02
CA LEU A 339 8.81 -26.15 -29.81
C LEU A 339 8.82 -26.59 -28.36
N ALA A 340 8.29 -25.74 -27.50
CA ALA A 340 8.25 -26.05 -26.08
C ALA A 340 6.95 -26.72 -25.74
N THR A 341 5.97 -26.59 -26.62
CA THR A 341 4.66 -27.13 -26.36
C THR A 341 4.39 -28.35 -27.21
N LEU A 342 5.30 -28.65 -28.13
CA LEU A 342 5.17 -29.86 -28.91
C LEU A 342 5.08 -31.14 -28.07
N PRO A 343 5.69 -31.18 -26.87
CA PRO A 343 5.44 -32.42 -26.14
C PRO A 343 4.01 -32.54 -25.66
N LEU A 344 3.27 -31.43 -25.69
CA LEU A 344 1.90 -31.45 -25.22
C LEU A 344 0.99 -31.97 -26.32
N LEU A 345 1.57 -32.24 -27.47
CA LEU A 345 0.82 -32.68 -28.63
C LEU A 345 0.18 -34.04 -28.39
N LYS A 346 0.80 -34.82 -27.50
CA LYS A 346 0.34 -36.18 -27.27
C LYS A 346 -1.03 -36.23 -26.63
N TRP A 347 -1.39 -35.21 -25.87
CA TRP A 347 -2.69 -35.21 -25.21
C TRP A 347 -3.73 -34.56 -26.09
N TRP A 348 -3.47 -33.34 -26.51
CA TRP A 348 -4.48 -32.56 -27.21
C TRP A 348 -4.37 -32.67 -28.71
N ASN A 349 -5.37 -32.12 -29.39
CA ASN A 349 -5.40 -32.12 -30.84
C ASN A 349 -4.37 -31.17 -31.39
N PHE A 350 -3.99 -31.38 -32.64
CA PHE A 350 -2.99 -30.55 -33.28
C PHE A 350 -3.44 -29.11 -33.45
N ARG A 351 -4.69 -28.92 -33.84
CA ARG A 351 -5.21 -27.59 -34.06
C ARG A 351 -5.27 -26.84 -32.73
N GLU A 352 -5.82 -27.51 -31.72
CA GLU A 352 -5.89 -26.95 -30.39
C GLU A 352 -4.49 -26.60 -29.90
N TYR A 353 -3.56 -27.51 -30.15
CA TYR A 353 -2.17 -27.33 -29.75
C TYR A 353 -1.61 -26.07 -30.37
N LEU A 354 -1.79 -25.95 -31.67
CA LEU A 354 -1.22 -24.85 -32.40
C LEU A 354 -1.82 -23.56 -31.87
N PHE A 355 -3.10 -23.62 -31.51
CA PHE A 355 -3.75 -22.43 -30.99
C PHE A 355 -3.16 -22.03 -29.67
N ILE A 356 -3.23 -22.91 -28.70
CA ILE A 356 -2.76 -22.60 -27.35
C ILE A 356 -1.29 -22.24 -27.34
N ALA A 357 -0.54 -22.77 -28.31
CA ALA A 357 0.87 -22.46 -28.37
C ALA A 357 1.02 -21.06 -28.91
N LEU A 358 0.33 -20.77 -30.00
CA LEU A 358 0.48 -19.51 -30.68
C LEU A 358 0.04 -18.38 -29.79
N GLU A 359 -1.08 -18.59 -29.11
CA GLU A 359 -1.64 -17.56 -28.27
C GLU A 359 -0.96 -17.55 -26.91
N GLY A 360 0.25 -17.02 -26.86
CA GLY A 360 1.00 -16.97 -25.62
C GLY A 360 1.58 -15.61 -25.34
N PRO A 361 0.79 -14.71 -24.75
CA PRO A 361 1.21 -13.33 -24.47
C PRO A 361 2.04 -13.22 -23.22
N ARG A 362 3.08 -12.39 -23.28
CA ARG A 362 3.91 -12.13 -22.13
C ARG A 362 3.43 -10.88 -21.43
N GLY A 363 3.20 -10.98 -20.13
CA GLY A 363 2.58 -9.90 -19.40
C GLY A 363 3.38 -9.30 -18.26
N VAL A 364 2.78 -9.31 -17.08
CA VAL A 364 3.28 -8.53 -15.96
C VAL A 364 4.63 -8.98 -15.47
N VAL A 365 4.71 -10.24 -15.05
CA VAL A 365 5.93 -10.77 -14.46
C VAL A 365 7.21 -10.44 -15.21
N PRO A 366 7.22 -10.58 -16.54
CA PRO A 366 8.46 -10.18 -17.21
C PRO A 366 8.72 -8.70 -17.03
N SER A 367 7.66 -7.91 -17.10
CA SER A 367 7.80 -6.47 -16.97
C SER A 367 8.41 -6.14 -15.63
N ALA A 368 8.06 -6.92 -14.62
CA ALA A 368 8.60 -6.68 -13.29
C ALA A 368 10.05 -7.10 -13.20
N LEU A 369 10.46 -7.97 -14.11
CA LEU A 369 11.81 -8.49 -14.05
C LEU A 369 12.64 -7.91 -15.16
N ALA A 370 12.07 -6.92 -15.82
CA ALA A 370 12.75 -6.31 -16.93
C ALA A 370 13.99 -5.59 -16.44
N SER A 371 13.80 -4.73 -15.46
CA SER A 371 14.91 -3.91 -15.01
C SER A 371 15.82 -4.66 -14.06
N LEU A 372 15.35 -5.78 -13.53
CA LEU A 372 16.09 -6.51 -12.50
C LEU A 372 17.54 -6.84 -12.84
N PRO A 373 17.80 -7.35 -14.06
CA PRO A 373 19.20 -7.62 -14.35
C PRO A 373 20.02 -6.35 -14.41
N LEU A 374 19.43 -5.30 -14.95
CA LEU A 374 20.11 -4.02 -15.08
C LEU A 374 20.37 -3.45 -13.70
N SER A 375 19.45 -3.71 -12.81
CA SER A 375 19.49 -3.16 -11.48
C SER A 375 20.61 -3.82 -10.76
N LEU A 376 20.61 -5.14 -10.81
CA LEU A 376 21.61 -5.91 -10.11
C LEU A 376 22.98 -5.57 -10.67
N ALA A 377 23.03 -5.35 -11.98
CA ALA A 377 24.30 -5.07 -12.64
C ALA A 377 24.81 -3.73 -12.17
N LEU A 378 23.91 -2.76 -12.14
CA LEU A 378 24.25 -1.41 -11.84
C LEU A 378 24.68 -1.30 -10.39
N LYS A 379 23.97 -2.02 -9.53
CA LYS A 379 24.18 -1.95 -8.11
C LYS A 379 25.41 -2.75 -7.72
N TYR A 380 25.29 -4.08 -7.82
CA TYR A 380 26.38 -4.98 -7.45
C TYR A 380 27.66 -4.71 -8.22
N LYS A 381 27.51 -4.07 -9.38
CA LYS A 381 28.63 -3.80 -10.27
C LYS A 381 29.38 -5.07 -10.60
N SER A 382 28.64 -6.17 -10.70
CA SER A 382 29.23 -7.46 -11.05
C SER A 382 29.78 -7.44 -12.46
N PRO A 383 31.02 -7.91 -12.63
CA PRO A 383 31.78 -7.79 -13.87
C PRO A 383 31.10 -8.46 -15.04
N LEU A 384 30.42 -9.56 -14.77
CA LEU A 384 29.80 -10.33 -15.84
C LEU A 384 28.59 -9.62 -16.41
N LEU A 385 28.09 -8.62 -15.68
CA LEU A 385 26.89 -7.92 -16.09
C LEU A 385 27.18 -6.47 -16.42
N THR A 386 27.60 -6.22 -17.65
CA THR A 386 27.81 -4.85 -18.05
C THR A 386 26.46 -4.18 -18.10
N VAL A 387 26.41 -2.92 -17.71
CA VAL A 387 25.16 -2.19 -17.66
C VAL A 387 24.52 -2.13 -19.02
N HIS A 388 25.35 -2.04 -20.06
CA HIS A 388 24.85 -1.98 -21.41
C HIS A 388 24.05 -3.23 -21.70
N TRP A 389 24.56 -4.37 -21.25
CA TRP A 389 23.84 -5.61 -21.39
C TRP A 389 22.48 -5.49 -20.74
N GLY A 390 22.46 -4.87 -19.58
CA GLY A 390 21.22 -4.68 -18.86
C GLY A 390 20.22 -3.91 -19.70
N GLU A 391 20.66 -2.79 -20.24
CA GLU A 391 19.77 -1.98 -21.05
C GLU A 391 19.24 -2.78 -22.20
N ILE A 392 20.13 -3.57 -22.79
CA ILE A 392 19.77 -4.39 -23.94
C ILE A 392 18.66 -5.34 -23.58
N ILE A 393 18.89 -6.12 -22.54
CA ILE A 393 17.91 -7.10 -22.11
C ILE A 393 16.60 -6.42 -21.83
N MET A 394 16.63 -5.38 -21.01
CA MET A 394 15.41 -4.69 -20.62
C MET A 394 14.62 -4.23 -21.82
N ALA A 395 15.30 -3.57 -22.74
CA ALA A 395 14.63 -3.04 -23.92
C ALA A 395 14.02 -4.18 -24.70
N THR A 396 14.79 -5.24 -24.87
CA THR A 396 14.34 -6.39 -25.63
C THR A 396 13.06 -6.90 -25.03
N VAL A 397 13.04 -6.92 -23.70
CA VAL A 397 11.89 -7.38 -22.98
C VAL A 397 10.71 -6.49 -23.28
N VAL A 398 10.94 -5.19 -23.30
CA VAL A 398 9.86 -4.27 -23.57
C VAL A 398 9.25 -4.53 -24.93
N ILE A 399 10.12 -4.61 -25.94
CA ILE A 399 9.68 -4.86 -27.30
C ILE A 399 8.84 -6.11 -27.32
N THR A 400 9.41 -7.15 -26.75
CA THR A 400 8.78 -8.45 -26.71
C THR A 400 7.39 -8.35 -26.13
N VAL A 401 7.28 -7.75 -24.97
CA VAL A 401 6.00 -7.65 -24.29
C VAL A 401 5.00 -6.93 -25.16
N LEU A 402 5.38 -5.76 -25.64
CA LEU A 402 4.48 -4.97 -26.46
C LEU A 402 3.93 -5.78 -27.61
N THR A 403 4.85 -6.23 -28.46
CA THR A 403 4.48 -6.93 -29.68
C THR A 403 3.64 -8.15 -29.38
N SER A 404 4.09 -8.93 -28.40
CA SER A 404 3.41 -10.17 -28.06
C SER A 404 1.98 -9.87 -27.68
N VAL A 405 1.81 -8.98 -26.71
CA VAL A 405 0.48 -8.64 -26.24
C VAL A 405 -0.42 -8.19 -27.37
N ILE A 406 0.08 -7.28 -28.18
CA ILE A 406 -0.77 -6.73 -29.22
C ILE A 406 -1.14 -7.76 -30.29
N VAL A 407 -0.16 -8.47 -30.83
CA VAL A 407 -0.46 -9.40 -31.92
C VAL A 407 -1.22 -10.61 -31.42
N GLU A 408 -1.07 -10.94 -30.15
CA GLU A 408 -1.83 -12.05 -29.59
C GLU A 408 -3.24 -11.58 -29.47
N THR A 409 -3.40 -10.33 -29.06
CA THR A 409 -4.72 -9.76 -28.90
C THR A 409 -5.42 -9.65 -30.25
N LEU A 410 -4.64 -9.57 -31.32
CA LEU A 410 -5.23 -9.49 -32.65
C LEU A 410 -5.32 -10.86 -33.33
N TRP A 411 -4.69 -11.85 -32.72
CA TRP A 411 -4.66 -13.19 -33.26
C TRP A 411 -6.03 -13.82 -33.22
N ILE A 412 -6.60 -13.84 -32.02
CA ILE A 412 -7.81 -14.60 -31.71
C ILE A 412 -8.90 -14.68 -32.77
N PRO A 413 -9.45 -13.53 -33.19
CA PRO A 413 -10.61 -13.62 -34.08
C PRO A 413 -10.26 -14.31 -35.38
N ILE A 414 -9.08 -14.01 -35.89
CA ILE A 414 -8.63 -14.66 -37.10
C ILE A 414 -8.22 -16.08 -36.77
N LEU A 415 -7.48 -16.22 -35.69
CA LEU A 415 -6.87 -17.49 -35.34
C LEU A 415 -7.91 -18.55 -35.02
N LYS A 416 -9.04 -18.14 -34.47
CA LYS A 416 -10.06 -19.08 -34.12
C LYS A 416 -10.71 -19.67 -35.36
N ASP A 417 -11.38 -18.82 -36.12
CA ASP A 417 -12.17 -19.27 -37.27
C ASP A 417 -11.35 -19.97 -38.35
N LYS A 418 -10.08 -19.61 -38.47
CA LYS A 418 -9.27 -20.19 -39.53
C LYS A 418 -8.79 -21.59 -39.20
N LEU A 419 -9.03 -22.06 -37.98
CA LEU A 419 -8.61 -23.40 -37.61
C LEU A 419 -9.51 -24.06 -36.60
N ASP A 420 -10.42 -23.30 -36.01
CA ASP A 420 -11.30 -23.86 -35.00
C ASP A 420 -12.57 -23.04 -34.85
N MET B 1 20.13 -8.11 7.30
CA MET B 1 19.20 -8.76 6.37
C MET B 1 18.77 -7.78 5.29
N ILE B 2 18.30 -8.31 4.17
CA ILE B 2 17.88 -7.48 3.04
C ILE B 2 16.38 -7.20 3.14
N GLU B 3 15.80 -6.59 2.10
CA GLU B 3 14.41 -6.16 2.10
C GLU B 3 13.40 -7.23 2.53
N LEU B 4 13.83 -8.48 2.60
CA LEU B 4 12.96 -9.51 3.13
C LEU B 4 12.74 -9.27 4.61
N SER B 5 13.64 -8.53 5.24
CA SER B 5 13.48 -8.18 6.64
C SER B 5 12.33 -7.20 6.77
N LEU B 6 12.16 -6.39 5.75
CA LEU B 6 11.09 -5.41 5.73
C LEU B 6 9.79 -6.14 5.61
N ALA B 7 9.77 -7.17 4.77
CA ALA B 7 8.57 -7.95 4.58
C ALA B 7 8.23 -8.66 5.86
N GLU B 8 9.25 -9.23 6.51
CA GLU B 8 9.05 -9.91 7.77
C GLU B 8 8.40 -8.94 8.72
N ALA B 9 8.93 -7.74 8.74
CA ALA B 9 8.41 -6.69 9.60
C ALA B 9 6.95 -6.49 9.29
N LEU B 10 6.63 -6.47 8.01
CA LEU B 10 5.27 -6.23 7.59
C LEU B 10 4.36 -7.29 8.15
N PHE B 11 4.75 -8.55 7.96
CA PHE B 11 3.96 -9.66 8.45
C PHE B 11 3.76 -9.57 9.94
N LEU B 12 4.83 -9.31 10.67
CA LEU B 12 4.73 -9.22 12.11
C LEU B 12 3.74 -8.14 12.49
N ILE B 13 3.83 -7.02 11.79
CA ILE B 13 2.97 -5.89 12.07
C ILE B 13 1.53 -6.29 11.93
N LEU B 14 1.18 -6.75 10.74
CA LEU B 14 -0.21 -7.05 10.46
C LEU B 14 -0.73 -8.16 11.36
N PHE B 15 0.08 -9.20 11.55
CA PHE B 15 -0.33 -10.33 12.35
C PHE B 15 -0.68 -9.85 13.74
N THR B 16 0.27 -9.16 14.36
CA THR B 16 0.07 -8.67 15.71
C THR B 16 -1.11 -7.72 15.77
N GLY B 17 -1.35 -7.04 14.67
CA GLY B 17 -2.48 -6.14 14.59
C GLY B 17 -3.74 -6.95 14.72
N VAL B 18 -3.79 -8.05 13.97
CA VAL B 18 -4.93 -8.92 13.98
C VAL B 18 -5.16 -9.44 15.38
N ILE B 19 -4.09 -9.92 15.99
CA ILE B 19 -4.15 -10.45 17.33
C ILE B 19 -4.76 -9.44 18.28
N SER B 20 -4.21 -8.24 18.27
CA SER B 20 -4.67 -7.21 19.17
C SER B 20 -6.14 -6.91 18.94
N MET B 21 -6.52 -6.84 17.67
CA MET B 21 -7.92 -6.58 17.36
C MET B 21 -8.79 -7.70 17.89
N LEU B 22 -8.22 -8.89 17.96
CA LEU B 22 -8.96 -10.02 18.52
C LEU B 22 -9.13 -9.80 20.01
N ILE B 23 -8.09 -9.29 20.65
CA ILE B 23 -8.16 -9.01 22.08
C ILE B 23 -9.27 -8.01 22.34
N SER B 24 -9.30 -6.94 21.56
CA SER B 24 -10.30 -5.91 21.74
C SER B 24 -11.68 -6.45 21.42
N ARG B 25 -11.75 -7.36 20.46
CA ARG B 25 -13.02 -7.93 20.07
C ARG B 25 -13.50 -8.84 21.16
N ARG B 26 -12.56 -9.32 21.98
CA ARG B 26 -12.88 -10.31 22.99
C ARG B 26 -12.76 -9.70 24.37
N THR B 27 -12.39 -8.43 24.43
CA THR B 27 -12.29 -7.74 25.70
C THR B 27 -12.52 -6.25 25.49
N GLY B 28 -13.37 -5.67 26.32
CA GLY B 28 -13.80 -4.29 26.17
C GLY B 28 -12.72 -3.24 26.11
N ILE B 29 -11.48 -3.64 26.39
CA ILE B 29 -10.36 -2.73 26.34
C ILE B 29 -10.14 -2.20 24.94
N SER B 30 -9.93 -0.89 24.84
CA SER B 30 -9.67 -0.25 23.55
C SER B 30 -8.47 -0.88 22.88
N TYR B 31 -8.50 -0.94 21.56
CA TYR B 31 -7.46 -1.63 20.83
C TYR B 31 -6.18 -0.84 20.75
N VAL B 32 -6.26 0.46 20.99
CA VAL B 32 -5.09 1.32 20.83
C VAL B 32 -3.94 0.97 21.77
N PRO B 33 -4.18 0.97 23.09
CA PRO B 33 -3.02 0.67 23.93
C PRO B 33 -2.58 -0.76 23.75
N ILE B 34 -3.49 -1.61 23.30
CA ILE B 34 -3.14 -2.99 23.05
C ILE B 34 -2.14 -3.03 21.92
N PHE B 35 -2.44 -2.23 20.91
CA PHE B 35 -1.57 -2.09 19.76
C PHE B 35 -0.22 -1.65 20.23
N ILE B 36 -0.20 -0.59 21.01
CA ILE B 36 1.04 -0.01 21.47
C ILE B 36 1.88 -1.01 22.23
N LEU B 37 1.30 -1.62 23.25
CA LEU B 37 2.03 -2.57 24.08
C LEU B 37 2.52 -3.72 23.23
N THR B 38 1.71 -4.12 22.27
CA THR B 38 2.08 -5.20 21.39
C THR B 38 3.33 -4.80 20.63
N GLY B 39 3.36 -3.54 20.21
CA GLY B 39 4.51 -3.05 19.47
C GLY B 39 5.73 -3.06 20.34
N LEU B 40 5.53 -2.71 21.60
CA LEU B 40 6.62 -2.65 22.54
C LEU B 40 7.22 -4.01 22.70
N VAL B 41 6.35 -5.01 22.84
CA VAL B 41 6.81 -6.37 23.05
C VAL B 41 7.53 -6.84 21.81
N ILE B 42 6.88 -6.66 20.68
CA ILE B 42 7.40 -7.18 19.44
C ILE B 42 8.68 -6.46 19.07
N GLY B 43 8.87 -5.29 19.65
CA GLY B 43 10.04 -4.51 19.35
C GLY B 43 11.12 -4.73 20.38
N PRO B 44 11.36 -3.71 21.20
CA PRO B 44 12.39 -3.62 22.24
C PRO B 44 12.50 -4.88 23.07
N LEU B 45 11.38 -5.54 23.33
CA LEU B 45 11.40 -6.70 24.20
C LEU B 45 12.04 -7.89 23.52
N LEU B 46 11.74 -8.10 22.25
CA LEU B 46 12.22 -9.28 21.56
C LEU B 46 13.22 -8.94 20.47
N LYS B 47 13.43 -7.65 20.25
CA LYS B 47 14.40 -7.18 19.27
C LYS B 47 14.14 -7.76 17.89
N LEU B 48 12.88 -8.09 17.60
CA LEU B 48 12.55 -8.64 16.29
C LEU B 48 12.62 -7.54 15.25
N ILE B 49 12.20 -6.34 15.64
CA ILE B 49 12.34 -5.19 14.76
C ILE B 49 13.12 -4.10 15.46
N PRO B 50 14.18 -3.63 14.81
CA PRO B 50 15.06 -2.60 15.36
C PRO B 50 14.45 -1.22 15.18
N ARG B 51 14.77 -0.33 16.11
CA ARG B 51 14.20 1.01 16.09
C ARG B 51 14.56 1.78 14.83
N ASP B 52 15.74 1.53 14.29
CA ASP B 52 16.18 2.27 13.12
C ASP B 52 15.29 1.92 11.95
N LEU B 53 15.13 0.63 11.71
CA LEU B 53 14.30 0.14 10.64
C LEU B 53 12.89 0.62 10.88
N ALA B 54 12.45 0.49 12.12
CA ALA B 54 11.11 0.86 12.51
C ALA B 54 10.84 2.30 12.12
N HIS B 55 11.83 3.16 12.34
CA HIS B 55 11.62 4.56 12.03
C HIS B 55 11.67 4.77 10.53
N GLU B 56 12.54 4.01 9.89
CA GLU B 56 12.69 4.10 8.44
C GLU B 56 11.35 3.85 7.78
N ILE B 57 10.60 2.90 8.31
CA ILE B 57 9.27 2.65 7.81
C ILE B 57 8.37 3.77 8.27
N PHE B 58 8.60 4.18 9.50
CA PHE B 58 7.69 5.09 10.17
C PHE B 58 7.58 6.42 9.45
N ASP B 59 8.61 6.81 8.72
CA ASP B 59 8.50 8.06 7.99
C ASP B 59 7.54 7.89 6.83
N PHE B 60 7.75 6.83 6.06
CA PHE B 60 6.91 6.49 4.93
C PHE B 60 5.46 6.47 5.38
N VAL B 61 5.21 5.65 6.39
CA VAL B 61 3.87 5.51 6.92
C VAL B 61 3.36 6.86 7.38
N ARG B 62 4.22 7.60 8.05
CA ARG B 62 3.88 8.90 8.60
C ARG B 62 3.31 9.76 7.50
N VAL B 63 3.82 9.58 6.30
CA VAL B 63 3.27 10.36 5.21
C VAL B 63 2.03 9.72 4.66
N PHE B 64 2.21 8.63 3.94
CA PHE B 64 1.13 8.05 3.14
C PHE B 64 -0.05 7.65 3.99
N GLY B 65 0.23 6.91 5.05
CA GLY B 65 -0.79 6.45 5.95
C GLY B 65 -1.64 7.59 6.44
N LEU B 66 -1.00 8.65 6.89
CA LEU B 66 -1.73 9.78 7.41
C LEU B 66 -2.55 10.41 6.33
N VAL B 67 -2.01 10.44 5.12
CA VAL B 67 -2.77 11.06 4.03
C VAL B 67 -4.06 10.31 3.86
N ILE B 68 -3.96 9.00 3.72
CA ILE B 68 -5.13 8.19 3.49
C ILE B 68 -6.11 8.35 4.63
N ILE B 69 -5.59 8.24 5.84
CA ILE B 69 -6.43 8.31 7.01
C ILE B 69 -7.21 9.62 7.06
N LEU B 70 -6.51 10.71 6.86
CA LEU B 70 -7.14 12.02 6.96
C LEU B 70 -8.17 12.20 5.87
N PHE B 71 -7.83 11.74 4.68
CA PHE B 71 -8.72 11.86 3.55
C PHE B 71 -10.02 11.14 3.85
N THR B 72 -9.90 9.89 4.27
CA THR B 72 -11.05 9.07 4.60
C THR B 72 -11.88 9.73 5.69
N GLU B 73 -11.22 10.22 6.72
CA GLU B 73 -11.92 10.90 7.79
C GLU B 73 -12.69 12.08 7.21
N GLY B 74 -12.13 12.69 6.18
CA GLY B 74 -12.81 13.76 5.48
C GLY B 74 -14.09 13.23 4.89
N HIS B 75 -13.99 12.06 4.26
CA HIS B 75 -15.15 11.44 3.64
C HIS B 75 -16.26 11.15 4.64
N ASN B 76 -15.91 10.68 5.82
CA ASN B 76 -16.91 10.17 6.75
C ASN B 76 -17.99 11.14 7.21
N LEU B 77 -17.61 12.35 7.57
CA LEU B 77 -18.57 13.26 8.19
C LEU B 77 -19.66 13.74 7.25
N SER B 78 -20.63 14.46 7.81
CA SER B 78 -21.74 15.01 7.05
C SER B 78 -21.85 16.51 7.28
N TRP B 79 -21.79 17.26 6.19
CA TRP B 79 -21.73 18.71 6.26
C TRP B 79 -22.92 19.36 6.93
N ARG B 80 -24.09 18.74 6.80
CA ARG B 80 -25.27 19.33 7.39
C ARG B 80 -25.16 19.24 8.90
N LEU B 81 -24.67 18.10 9.37
CA LEU B 81 -24.58 17.83 10.78
C LEU B 81 -23.57 18.74 11.44
N LEU B 82 -22.54 19.11 10.68
CA LEU B 82 -21.53 20.02 11.22
C LEU B 82 -22.01 21.45 11.13
N LYS B 83 -22.77 21.75 10.07
CA LYS B 83 -23.28 23.09 9.88
C LYS B 83 -24.24 23.39 10.99
N LYS B 84 -24.86 22.33 11.53
CA LYS B 84 -25.79 22.44 12.63
C LYS B 84 -25.15 23.16 13.79
N ASN B 85 -23.89 22.81 14.07
CA ASN B 85 -23.16 23.38 15.19
C ASN B 85 -21.91 24.09 14.76
N MET B 86 -21.93 24.63 13.54
CA MET B 86 -20.73 25.23 12.97
C MET B 86 -20.10 26.34 13.80
N PRO B 87 -20.90 27.30 14.30
CA PRO B 87 -20.26 28.40 15.01
C PRO B 87 -19.47 27.93 16.22
N THR B 88 -19.99 26.93 16.91
CA THR B 88 -19.36 26.44 18.13
C THR B 88 -17.97 25.89 17.88
N ILE B 89 -17.85 25.07 16.85
CA ILE B 89 -16.65 24.29 16.59
C ILE B 89 -15.45 25.10 16.14
N VAL B 90 -15.68 25.99 15.18
CA VAL B 90 -14.59 26.73 14.56
C VAL B 90 -13.74 27.38 15.66
N THR B 91 -14.43 28.07 16.56
CA THR B 91 -13.76 28.64 17.72
C THR B 91 -13.07 27.50 18.48
N LEU B 92 -13.84 26.44 18.72
CA LEU B 92 -13.41 25.33 19.53
C LEU B 92 -12.07 24.74 19.11
N ASP B 93 -11.97 24.40 17.83
CA ASP B 93 -10.70 23.91 17.30
C ASP B 93 -9.68 25.02 17.43
N THR B 94 -9.91 26.09 16.67
CA THR B 94 -8.96 27.20 16.62
C THR B 94 -8.45 27.63 17.97
N ILE B 95 -9.36 27.96 18.89
CA ILE B 95 -8.92 28.39 20.19
C ILE B 95 -8.36 27.24 21.00
N GLY B 96 -9.19 26.22 21.22
CA GLY B 96 -8.78 25.05 21.96
C GLY B 96 -7.44 24.49 21.52
N LEU B 97 -7.35 24.10 20.26
CA LEU B 97 -6.15 23.51 19.70
C LEU B 97 -4.94 24.33 20.06
N ILE B 98 -5.02 25.61 19.72
CA ILE B 98 -3.90 26.49 19.97
C ILE B 98 -3.71 26.65 21.46
N LEU B 99 -4.80 26.96 22.16
CA LEU B 99 -4.70 27.18 23.59
C LEU B 99 -4.20 25.94 24.30
N THR B 100 -4.76 24.79 23.96
CA THR B 100 -4.30 23.55 24.56
C THR B 100 -2.82 23.37 24.27
N ALA B 101 -2.46 23.60 23.02
CA ALA B 101 -1.07 23.45 22.62
C ALA B 101 -0.21 24.38 23.43
N LEU B 102 -0.62 25.64 23.53
CA LEU B 102 0.17 26.62 24.23
C LEU B 102 0.29 26.30 25.70
N ILE B 103 -0.84 26.05 26.34
CA ILE B 103 -0.83 25.85 27.79
C ILE B 103 -0.07 24.60 28.16
N ALA B 104 -0.19 23.56 27.36
CA ALA B 104 0.54 22.33 27.63
C ALA B 104 2.01 22.62 27.44
N GLY B 105 2.29 23.54 26.53
CA GLY B 105 3.66 23.95 26.30
C GLY B 105 4.20 24.51 27.59
N PHE B 106 3.41 25.39 28.19
CA PHE B 106 3.76 25.93 29.48
C PHE B 106 3.84 24.78 30.45
N ILE B 107 2.93 23.83 30.30
CA ILE B 107 2.90 22.69 31.20
C ILE B 107 4.15 21.86 31.03
N PHE B 108 4.58 21.68 29.79
CA PHE B 108 5.72 20.84 29.54
C PHE B 108 6.95 21.56 30.03
N LYS B 109 6.94 22.86 29.80
CA LYS B 109 8.08 23.70 30.10
C LYS B 109 8.47 23.62 31.57
N VAL B 110 7.47 23.55 32.43
CA VAL B 110 7.76 23.57 33.85
C VAL B 110 8.35 22.25 34.31
N VAL B 111 7.85 21.13 33.81
CA VAL B 111 8.27 19.83 34.31
C VAL B 111 9.73 19.60 33.98
N PHE B 112 10.12 19.88 32.75
CA PHE B 112 11.53 19.92 32.37
C PHE B 112 11.79 21.25 31.70
N ASN B 113 12.78 21.98 32.20
CA ASN B 113 13.17 23.24 31.57
C ASN B 113 13.46 23.03 30.09
N SER B 114 12.85 23.85 29.27
CA SER B 114 13.03 23.80 27.83
C SER B 114 12.64 25.16 27.33
N SER B 115 13.19 25.57 26.18
CA SER B 115 12.71 26.78 25.56
C SER B 115 11.28 26.51 25.21
N PHE B 116 10.46 27.55 25.16
CA PHE B 116 9.03 27.36 24.96
C PHE B 116 8.79 26.49 23.76
N LEU B 117 9.48 26.80 22.67
CA LEU B 117 9.32 26.10 21.40
C LEU B 117 9.15 24.61 21.56
N LEU B 118 9.94 24.03 22.45
CA LEU B 118 9.85 22.60 22.69
C LEU B 118 8.47 22.26 23.22
N GLY B 119 8.03 23.00 24.23
CA GLY B 119 6.73 22.75 24.81
C GLY B 119 5.64 22.96 23.79
N PHE B 120 5.75 24.04 23.05
CA PHE B 120 4.75 24.41 22.08
C PHE B 120 4.61 23.34 21.02
N LEU B 121 5.73 22.71 20.67
CA LEU B 121 5.67 21.66 19.67
C LEU B 121 5.08 20.42 20.30
N PHE B 122 5.34 20.23 21.59
CA PHE B 122 4.76 19.09 22.27
C PHE B 122 3.26 19.21 22.17
N GLY B 123 2.73 20.33 22.62
CA GLY B 123 1.31 20.59 22.58
C GLY B 123 0.78 20.49 21.17
N ALA B 124 1.56 20.96 20.22
CA ALA B 124 1.16 20.96 18.83
C ALA B 124 0.97 19.53 18.36
N ILE B 125 1.79 18.65 18.89
CA ILE B 125 1.70 17.25 18.56
C ILE B 125 0.46 16.68 19.21
N ILE B 126 0.31 16.97 20.50
CA ILE B 126 -0.82 16.47 21.26
C ILE B 126 -2.10 17.16 20.82
N GLY B 127 -1.93 18.14 19.95
CA GLY B 127 -3.05 18.92 19.46
C GLY B 127 -4.24 18.09 19.04
N ALA B 128 -4.02 17.21 18.08
CA ALA B 128 -5.11 16.44 17.49
C ALA B 128 -5.85 15.58 18.50
N THR B 129 -7.03 15.12 18.10
CA THR B 129 -7.84 14.28 18.97
C THR B 129 -8.41 13.13 18.19
N ASP B 130 -8.65 12.03 18.87
CA ASP B 130 -9.21 10.85 18.23
C ASP B 130 -10.10 10.04 19.15
N PRO B 131 -11.41 10.30 19.11
CA PRO B 131 -12.42 9.63 19.91
C PRO B 131 -12.96 8.46 19.14
N ALA B 132 -12.18 7.96 18.18
CA ALA B 132 -12.61 6.85 17.37
C ALA B 132 -12.76 5.61 18.23
N THR B 133 -12.07 5.62 19.36
CA THR B 133 -12.14 4.51 20.28
C THR B 133 -13.25 4.74 21.29
N LEU B 134 -13.93 5.85 21.18
CA LEU B 134 -15.02 6.18 22.08
C LEU B 134 -16.35 6.16 21.36
N ILE B 135 -16.31 6.46 20.07
CA ILE B 135 -17.52 6.47 19.26
C ILE B 135 -18.34 5.19 19.43
N PRO B 136 -17.69 4.01 19.40
CA PRO B 136 -18.51 2.84 19.67
C PRO B 136 -18.96 2.86 21.12
N LEU B 137 -18.04 3.22 22.01
CA LEU B 137 -18.32 3.19 23.43
C LEU B 137 -19.47 4.10 23.80
N PHE B 138 -19.64 5.18 23.04
CA PHE B 138 -20.73 6.10 23.28
C PHE B 138 -22.07 5.42 23.09
N ARG B 139 -22.17 4.67 22.00
CA ARG B 139 -23.38 3.94 21.69
C ARG B 139 -23.58 2.87 22.75
N GLN B 140 -22.49 2.42 23.36
CA GLN B 140 -22.53 1.32 24.31
C GLN B 140 -23.13 1.74 25.65
N TYR B 141 -23.24 3.04 25.87
CA TYR B 141 -23.77 3.55 27.12
C TYR B 141 -24.81 4.63 26.90
N ARG B 142 -25.53 4.52 25.79
CA ARG B 142 -26.65 5.41 25.49
C ARG B 142 -26.24 6.87 25.53
N VAL B 143 -25.12 7.19 24.92
CA VAL B 143 -24.68 8.57 24.90
C VAL B 143 -25.51 9.36 23.90
N LYS B 144 -25.94 10.55 24.31
CA LYS B 144 -26.80 11.39 23.50
C LYS B 144 -26.26 11.66 22.10
N GLN B 145 -27.17 11.89 21.17
CA GLN B 145 -26.84 12.07 19.77
C GLN B 145 -26.01 13.32 19.50
N ASP B 146 -26.35 14.42 20.18
CA ASP B 146 -25.84 15.73 19.82
C ASP B 146 -24.32 15.89 19.91
N ILE B 147 -23.75 15.56 21.06
CA ILE B 147 -22.35 15.86 21.32
C ILE B 147 -21.39 15.01 20.50
N GLU B 148 -21.81 13.78 20.20
CA GLU B 148 -20.97 12.87 19.44
C GLU B 148 -20.62 13.51 18.10
N THR B 149 -21.60 14.23 17.54
CA THR B 149 -21.42 14.89 16.26
C THR B 149 -20.30 15.90 16.35
N VAL B 150 -20.45 16.85 17.26
CA VAL B 150 -19.51 17.95 17.38
C VAL B 150 -18.12 17.44 17.73
N ILE B 151 -18.03 16.38 18.54
CA ILE B 151 -16.73 15.81 18.85
C ILE B 151 -16.10 15.18 17.62
N VAL B 152 -16.89 14.42 16.89
CA VAL B 152 -16.42 13.79 15.66
C VAL B 152 -15.83 14.84 14.75
N THR B 153 -16.59 15.89 14.53
CA THR B 153 -16.16 16.99 13.68
C THR B 153 -14.87 17.59 14.21
N GLU B 154 -14.81 17.75 15.53
CA GLU B 154 -13.65 18.35 16.16
C GLU B 154 -12.41 17.54 15.84
N SER B 155 -12.53 16.23 15.90
CA SER B 155 -11.38 15.37 15.65
C SER B 155 -10.98 15.43 14.20
N ILE B 156 -11.96 15.23 13.34
CA ILE B 156 -11.71 15.19 11.92
C ILE B 156 -11.06 16.48 11.47
N PHE B 157 -11.39 17.56 12.14
CA PHE B 157 -10.83 18.84 11.75
C PHE B 157 -9.50 19.13 12.40
N ASN B 158 -9.33 18.71 13.64
CA ASN B 158 -8.14 19.09 14.38
C ASN B 158 -6.95 18.19 14.09
N ASP B 159 -7.24 17.00 13.60
CA ASP B 159 -6.19 16.07 13.22
C ASP B 159 -5.16 16.69 12.27
N PRO B 160 -5.61 17.31 11.17
CA PRO B 160 -4.57 17.90 10.33
C PRO B 160 -4.00 19.13 10.96
N LEU B 161 -4.81 19.82 11.76
CA LEU B 161 -4.40 21.10 12.27
C LEU B 161 -3.29 20.97 13.29
N GLY B 162 -3.30 19.88 14.04
CA GLY B 162 -2.27 19.64 15.02
C GLY B 162 -0.94 19.54 14.34
N ILE B 163 -0.97 19.02 13.12
CA ILE B 163 0.23 18.86 12.33
C ILE B 163 0.76 20.22 11.98
N VAL B 164 -0.13 21.06 11.50
CA VAL B 164 0.25 22.41 11.11
C VAL B 164 0.93 23.10 12.25
N LEU B 165 0.30 23.08 13.42
CA LEU B 165 0.91 23.66 14.59
C LEU B 165 2.25 23.00 14.81
N THR B 166 2.31 21.70 14.63
CA THR B 166 3.54 20.99 14.86
C THR B 166 4.57 21.46 13.87
N LEU B 167 4.21 21.41 12.60
CA LEU B 167 5.11 21.83 11.55
C LEU B 167 5.54 23.27 11.74
N ILE B 168 4.63 24.08 12.26
CA ILE B 168 4.97 25.46 12.55
C ILE B 168 6.01 25.51 13.65
N ALA B 169 5.74 24.78 14.72
CA ALA B 169 6.59 24.80 15.88
C ALA B 169 7.96 24.28 15.50
N ILE B 170 7.97 23.19 14.76
CA ILE B 170 9.22 22.59 14.35
C ILE B 170 9.99 23.57 13.49
N SER B 171 9.28 24.19 12.56
CA SER B 171 9.89 25.15 11.66
C SER B 171 10.57 26.24 12.43
N MET B 172 9.99 26.59 13.57
CA MET B 172 10.59 27.61 14.42
C MET B 172 11.88 27.08 15.01
N LEU B 173 11.91 25.78 15.27
CA LEU B 173 13.10 25.18 15.89
C LEU B 173 14.22 24.97 14.89
N VAL B 174 13.89 24.66 13.64
CA VAL B 174 14.90 24.49 12.63
C VAL B 174 14.66 25.39 11.44
N PRO B 175 15.61 26.26 11.16
CA PRO B 175 15.52 27.31 10.16
C PRO B 175 15.11 26.79 8.79
N GLY B 176 15.96 25.96 8.20
CA GLY B 176 15.78 25.57 6.82
C GLY B 176 14.48 24.83 6.56
N TYR B 177 13.98 24.13 7.57
CA TYR B 177 12.79 23.31 7.40
C TYR B 177 11.58 24.16 7.10
N GLY B 178 11.58 25.37 7.64
CA GLY B 178 10.48 26.28 7.43
C GLY B 178 10.33 26.65 5.98
N GLY B 179 9.10 26.69 5.51
CA GLY B 179 8.80 27.05 4.14
C GLY B 179 9.14 28.50 3.87
N GLY B 180 9.10 28.89 2.60
CA GLY B 180 9.47 30.22 2.20
C GLY B 180 8.63 31.32 2.82
N ILE B 181 7.32 31.26 2.57
CA ILE B 181 6.44 32.34 2.97
C ILE B 181 6.38 32.50 4.49
N PHE B 182 6.55 31.38 5.20
CA PHE B 182 6.61 31.48 6.64
C PHE B 182 7.85 32.27 7.04
N SER B 183 8.97 31.96 6.40
CA SER B 183 10.22 32.62 6.73
C SER B 183 10.09 34.11 6.51
N THR B 184 9.61 34.46 5.33
CA THR B 184 9.43 35.86 4.98
C THR B 184 8.53 36.55 5.98
N LEU B 185 7.32 36.03 6.16
CA LEU B 185 6.36 36.67 7.05
C LEU B 185 6.88 36.73 8.47
N SER B 186 7.80 35.84 8.80
CA SER B 186 8.34 35.79 10.15
C SER B 186 9.36 36.89 10.36
N GLU B 187 10.36 36.92 9.49
CA GLU B 187 11.41 37.93 9.57
C GLU B 187 10.80 39.31 9.44
N LYS B 188 9.79 39.42 8.59
CA LYS B 188 9.15 40.69 8.31
C LYS B 188 8.25 41.11 9.46
N LEU B 189 7.46 40.18 9.96
CA LEU B 189 6.40 40.53 10.89
C LEU B 189 6.47 39.77 12.21
N GLY B 190 7.67 39.41 12.63
CA GLY B 190 7.84 38.74 13.91
C GLY B 190 7.35 37.32 13.88
N ILE B 191 7.75 36.54 14.88
CA ILE B 191 7.38 35.13 14.91
C ILE B 191 6.00 34.93 15.49
N TYR B 192 5.68 35.67 16.54
CA TYR B 192 4.37 35.55 17.17
C TYR B 192 3.29 35.83 16.14
N ALA B 193 3.29 37.05 15.62
CA ALA B 193 2.28 37.46 14.66
C ALA B 193 2.43 36.71 13.36
N GLY B 194 3.67 36.40 13.01
CA GLY B 194 3.94 35.69 11.78
C GLY B 194 3.26 34.34 11.77
N GLY B 195 3.26 33.69 12.93
CA GLY B 195 2.62 32.40 13.08
C GLY B 195 1.16 32.52 12.75
N VAL B 196 0.55 33.60 13.21
CA VAL B 196 -0.87 33.79 13.03
C VAL B 196 -1.19 34.11 11.58
N ILE B 197 -0.44 35.02 11.00
CA ILE B 197 -0.67 35.42 9.63
C ILE B 197 -0.53 34.21 8.72
N TYR B 198 0.52 33.44 8.94
CA TYR B 198 0.75 32.25 8.14
C TYR B 198 -0.33 31.21 8.43
N PHE B 199 -0.87 31.26 9.63
CA PHE B 199 -1.90 30.33 10.02
C PHE B 199 -3.13 30.59 9.18
N LEU B 200 -3.64 31.81 9.24
CA LEU B 200 -4.82 32.16 8.48
C LEU B 200 -4.57 31.96 7.00
N TYR B 201 -3.35 32.28 6.59
CA TYR B 201 -2.96 32.14 5.20
C TYR B 201 -3.10 30.71 4.73
N ASN B 202 -2.32 29.83 5.32
CA ASN B 202 -2.24 28.47 4.82
C ASN B 202 -3.54 27.73 5.08
N VAL B 203 -4.25 28.12 6.13
CA VAL B 203 -5.54 27.53 6.37
C VAL B 203 -6.48 27.88 5.22
N SER B 204 -6.62 29.17 4.95
CA SER B 204 -7.51 29.63 3.91
C SER B 204 -7.15 29.00 2.57
N VAL B 205 -5.87 29.02 2.26
CA VAL B 205 -5.39 28.49 0.99
C VAL B 205 -5.72 27.02 0.89
N SER B 206 -5.38 26.27 1.93
CA SER B 206 -5.57 24.84 1.93
C SER B 206 -7.03 24.48 1.77
N ILE B 207 -7.90 25.12 2.53
CA ILE B 207 -9.30 24.77 2.48
C ILE B 207 -9.92 25.14 1.14
N SER B 208 -9.56 26.31 0.64
CA SER B 208 -10.11 26.79 -0.61
C SER B 208 -9.70 25.85 -1.73
N LEU B 209 -8.41 25.60 -1.82
CA LEU B 209 -7.87 24.77 -2.87
C LEU B 209 -8.45 23.37 -2.77
N GLY B 210 -8.63 22.92 -1.54
CA GLY B 210 -9.20 21.63 -1.28
C GLY B 210 -10.59 21.55 -1.86
N ILE B 211 -11.37 22.61 -1.66
CA ILE B 211 -12.72 22.64 -2.20
C ILE B 211 -12.64 22.57 -3.71
N PHE B 212 -11.77 23.40 -4.28
CA PHE B 212 -11.58 23.48 -5.71
C PHE B 212 -11.35 22.11 -6.31
N LEU B 213 -10.30 21.45 -5.83
CA LEU B 213 -9.93 20.14 -6.34
C LEU B 213 -11.03 19.14 -6.09
N GLY B 214 -11.72 19.29 -4.97
CA GLY B 214 -12.77 18.36 -4.60
C GLY B 214 -13.87 18.37 -5.65
N ILE B 215 -14.47 19.53 -5.84
CA ILE B 215 -15.56 19.64 -6.79
C ILE B 215 -15.07 19.33 -8.19
N LEU B 216 -13.79 19.61 -8.44
CA LEU B 216 -13.22 19.27 -9.73
C LEU B 216 -13.27 17.76 -9.88
N GLY B 217 -13.02 17.06 -8.79
CA GLY B 217 -13.04 15.61 -8.80
C GLY B 217 -14.44 15.12 -9.07
N TYR B 218 -15.40 15.73 -8.39
CA TYR B 218 -16.80 15.37 -8.55
C TYR B 218 -17.19 15.49 -10.02
N LYS B 219 -16.87 16.63 -10.61
CA LYS B 219 -17.19 16.86 -12.01
C LYS B 219 -16.51 15.82 -12.88
N PHE B 220 -15.28 15.47 -12.52
CA PHE B 220 -14.54 14.50 -13.30
C PHE B 220 -15.24 13.16 -13.32
N ILE B 221 -15.66 12.72 -12.14
CA ILE B 221 -16.38 11.46 -12.04
C ILE B 221 -17.67 11.56 -12.82
N LYS B 222 -18.26 12.75 -12.82
CA LYS B 222 -19.50 12.98 -13.54
C LYS B 222 -19.29 12.71 -15.02
N ARG B 223 -18.42 13.48 -15.64
CA ARG B 223 -18.22 13.36 -17.09
C ARG B 223 -17.70 12.00 -17.49
N THR B 224 -16.76 11.47 -16.71
CA THR B 224 -16.13 10.20 -17.04
C THR B 224 -17.08 9.04 -16.77
N GLY B 225 -17.84 9.16 -15.69
CA GLY B 225 -18.81 8.15 -15.34
C GLY B 225 -18.18 6.81 -15.05
N ILE B 226 -17.24 6.79 -14.13
CA ILE B 226 -16.56 5.56 -13.78
C ILE B 226 -17.21 4.88 -12.59
N PHE B 227 -18.15 3.99 -12.87
CA PHE B 227 -18.90 3.32 -11.82
C PHE B 227 -18.24 2.02 -11.41
N ASP B 228 -17.28 1.56 -12.20
CA ASP B 228 -16.71 0.24 -11.98
C ASP B 228 -15.32 0.33 -11.36
N PHE B 229 -14.99 -0.67 -10.55
CA PHE B 229 -13.66 -0.80 -9.99
C PHE B 229 -12.69 -1.14 -11.11
N PRO B 230 -11.40 -0.87 -10.90
CA PRO B 230 -10.80 -0.23 -9.73
C PRO B 230 -10.45 1.20 -10.01
N GLU B 231 -10.78 1.69 -11.21
CA GLU B 231 -10.34 2.99 -11.64
C GLU B 231 -10.77 4.10 -10.69
N ILE B 232 -11.92 3.92 -10.06
CA ILE B 232 -12.41 4.92 -9.14
C ILE B 232 -11.49 5.03 -7.93
N GLU B 233 -11.04 3.89 -7.43
CA GLU B 233 -10.19 3.87 -6.26
C GLU B 233 -8.86 4.53 -6.57
N ALA B 234 -8.26 4.08 -7.66
CA ALA B 234 -6.99 4.63 -8.10
C ALA B 234 -7.12 6.13 -8.24
N PHE B 235 -8.22 6.56 -8.85
CA PHE B 235 -8.45 7.97 -9.06
C PHE B 235 -8.56 8.68 -7.73
N SER B 236 -9.14 8.00 -6.74
CA SER B 236 -9.34 8.61 -5.44
C SER B 236 -8.01 8.87 -4.79
N LEU B 237 -7.18 7.84 -4.73
CA LEU B 237 -5.86 7.98 -4.15
C LEU B 237 -5.09 9.07 -4.87
N SER B 238 -5.13 9.02 -6.20
CA SER B 238 -4.40 9.98 -7.00
C SER B 238 -4.84 11.37 -6.65
N LEU B 239 -6.12 11.54 -6.43
CA LEU B 239 -6.68 12.84 -6.12
C LEU B 239 -6.14 13.31 -4.79
N ALA B 240 -6.23 12.43 -3.80
CA ALA B 240 -5.82 12.78 -2.45
C ALA B 240 -4.38 13.23 -2.45
N PHE B 241 -3.52 12.39 -3.02
CA PHE B 241 -2.11 12.70 -3.05
C PHE B 241 -1.82 13.92 -3.90
N LEU B 242 -2.69 14.20 -4.85
CA LEU B 242 -2.52 15.38 -5.67
C LEU B 242 -2.71 16.59 -4.79
N GLY B 243 -3.82 16.59 -4.07
CA GLY B 243 -4.14 17.69 -3.19
C GLY B 243 -3.02 17.90 -2.19
N PHE B 244 -2.49 16.81 -1.70
CA PHE B 244 -1.42 16.87 -0.73
C PHE B 244 -0.18 17.52 -1.33
N PHE B 245 0.17 17.07 -2.53
CA PHE B 245 1.35 17.56 -3.22
C PHE B 245 1.25 19.05 -3.46
N ILE B 246 0.23 19.45 -4.20
CA ILE B 246 0.07 20.85 -4.54
C ILE B 246 0.00 21.69 -3.29
N GLY B 247 -0.74 21.19 -2.31
CA GLY B 247 -0.88 21.88 -1.05
C GLY B 247 0.47 22.15 -0.41
N GLU B 248 1.33 21.15 -0.45
CA GLU B 248 2.62 21.27 0.22
C GLU B 248 3.55 22.16 -0.57
N ARG B 249 3.39 22.17 -1.89
CA ARG B 249 4.24 22.97 -2.74
C ARG B 249 4.00 24.44 -2.50
N LEU B 250 2.75 24.79 -2.23
CA LEU B 250 2.39 26.18 -2.01
C LEU B 250 2.53 26.57 -0.55
N ASP B 251 3.44 25.91 0.13
CA ASP B 251 3.72 26.17 1.54
C ASP B 251 2.46 26.09 2.39
N ALA B 252 1.68 25.05 2.16
CA ALA B 252 0.50 24.80 2.98
C ALA B 252 0.48 23.33 3.33
N SER B 253 -0.36 22.96 4.28
CA SER B 253 -0.44 21.57 4.69
C SER B 253 -1.36 20.78 3.76
N GLY B 254 -0.76 19.99 2.89
CA GLY B 254 -1.51 19.19 1.93
C GLY B 254 -2.42 18.19 2.61
N TYR B 255 -2.11 17.86 3.86
CA TYR B 255 -2.94 16.96 4.63
C TYR B 255 -4.34 17.53 4.74
N LEU B 256 -4.42 18.79 5.17
CA LEU B 256 -5.69 19.44 5.35
C LEU B 256 -6.40 19.55 4.03
N VAL B 257 -5.63 19.76 2.97
CA VAL B 257 -6.20 19.87 1.64
C VAL B 257 -6.93 18.59 1.29
N ALA B 258 -6.21 17.49 1.34
CA ALA B 258 -6.77 16.19 1.01
C ALA B 258 -7.99 15.92 1.87
N THR B 259 -7.87 16.23 3.15
CA THR B 259 -8.95 16.02 4.08
C THR B 259 -10.19 16.76 3.62
N VAL B 260 -9.99 18.01 3.24
CA VAL B 260 -11.07 18.86 2.80
C VAL B 260 -11.73 18.27 1.56
N THR B 261 -10.92 17.85 0.61
CA THR B 261 -11.46 17.22 -0.60
C THR B 261 -12.32 16.05 -0.20
N GLY B 262 -11.85 15.28 0.77
CA GLY B 262 -12.58 14.14 1.27
C GLY B 262 -13.93 14.57 1.79
N ILE B 263 -13.95 15.70 2.48
CA ILE B 263 -15.19 16.23 2.99
C ILE B 263 -16.12 16.55 1.84
N VAL B 264 -15.55 17.19 0.82
CA VAL B 264 -16.33 17.59 -0.33
C VAL B 264 -17.01 16.40 -0.95
N LEU B 265 -16.23 15.49 -1.49
CA LEU B 265 -16.79 14.34 -2.17
C LEU B 265 -17.71 13.56 -1.25
N GLY B 266 -17.40 13.59 0.05
CA GLY B 266 -18.18 12.86 1.01
C GLY B 266 -19.55 13.47 1.24
N ASN B 267 -19.66 14.76 0.97
CA ASN B 267 -20.91 15.46 1.26
C ASN B 267 -21.36 16.41 0.16
N TYR B 268 -20.93 16.17 -1.07
CA TYR B 268 -21.34 17.05 -2.16
C TYR B 268 -22.32 16.37 -3.10
N LYS B 269 -23.51 16.94 -3.19
CA LYS B 269 -24.54 16.41 -4.07
C LYS B 269 -25.23 17.57 -4.78
N LEU B 270 -24.67 17.98 -5.92
CA LEU B 270 -25.26 19.04 -6.72
C LEU B 270 -25.59 18.51 -8.11
N LEU B 271 -26.82 18.73 -8.55
CA LEU B 271 -27.27 18.21 -9.83
C LEU B 271 -28.47 18.96 -10.40
N LYS B 272 -28.59 18.94 -11.72
CA LYS B 272 -29.71 19.55 -12.40
C LYS B 272 -30.82 18.51 -12.55
N PRO B 273 -32.07 18.93 -12.35
CA PRO B 273 -33.24 18.06 -12.54
C PRO B 273 -33.32 17.47 -13.94
N ARG B 274 -32.68 18.12 -14.91
CA ARG B 274 -32.66 17.60 -16.28
C ARG B 274 -31.84 16.32 -16.37
N GLU B 275 -30.95 16.12 -15.40
CA GLU B 275 -30.04 14.97 -15.43
C GLU B 275 -30.72 13.66 -15.06
N ASN B 276 -30.32 12.59 -15.73
CA ASN B 276 -30.84 11.26 -15.47
C ASN B 276 -30.47 10.77 -14.08
N ILE B 277 -31.10 9.69 -13.64
CA ILE B 277 -30.80 9.14 -12.34
C ILE B 277 -30.01 7.85 -12.49
N ARG B 278 -29.82 7.42 -13.74
CA ARG B 278 -29.10 6.19 -13.99
C ARG B 278 -27.63 6.36 -13.60
N ILE B 279 -27.18 7.60 -13.56
CA ILE B 279 -25.77 7.86 -13.28
C ILE B 279 -25.54 8.32 -11.85
N LEU B 280 -26.52 9.01 -11.29
CA LEU B 280 -26.34 9.55 -9.94
C LEU B 280 -26.30 8.43 -8.93
N LYS B 281 -27.12 7.41 -9.15
CA LYS B 281 -27.16 6.30 -8.22
C LYS B 281 -25.89 5.48 -8.35
N ARG B 282 -25.44 5.32 -9.59
CA ARG B 282 -24.22 4.56 -9.84
C ARG B 282 -23.03 5.24 -9.20
N LEU B 283 -22.95 6.56 -9.34
CA LEU B 283 -21.84 7.28 -8.73
C LEU B 283 -21.97 7.25 -7.22
N GLN B 284 -23.20 7.27 -6.73
CA GLN B 284 -23.43 7.19 -5.30
C GLN B 284 -22.85 5.91 -4.74
N ARG B 285 -23.29 4.80 -5.30
CA ARG B 285 -22.85 3.49 -4.83
C ARG B 285 -21.35 3.35 -5.00
N ALA B 286 -20.84 3.82 -6.12
CA ALA B 286 -19.42 3.76 -6.42
C ALA B 286 -18.64 4.47 -5.32
N ILE B 287 -19.04 5.70 -5.05
CA ILE B 287 -18.44 6.50 -4.00
C ILE B 287 -18.47 5.74 -2.70
N GLU B 288 -19.61 5.13 -2.40
CA GLU B 288 -19.74 4.36 -1.18
C GLU B 288 -18.68 3.28 -1.08
N LYS B 289 -18.52 2.51 -2.15
CA LYS B 289 -17.59 1.39 -2.12
C LYS B 289 -16.17 1.90 -1.94
N GLU B 290 -15.84 2.92 -2.71
CA GLU B 290 -14.51 3.51 -2.65
C GLU B 290 -14.20 3.97 -1.24
N VAL B 291 -15.18 4.64 -0.65
CA VAL B 291 -15.07 5.11 0.72
C VAL B 291 -14.76 3.97 1.67
N HIS B 292 -15.56 2.90 1.61
CA HIS B 292 -15.35 1.79 2.54
C HIS B 292 -13.96 1.19 2.34
N PHE B 293 -13.55 1.13 1.08
CA PHE B 293 -12.24 0.61 0.73
C PHE B 293 -11.20 1.40 1.48
N ASN B 294 -11.25 2.70 1.30
CA ASN B 294 -10.29 3.56 1.95
C ASN B 294 -10.45 3.56 3.45
N ASP B 295 -11.60 3.07 3.93
CA ASP B 295 -11.77 2.92 5.36
C ASP B 295 -10.87 1.79 5.78
N THR B 296 -10.87 0.73 4.99
CA THR B 296 -10.02 -0.41 5.29
C THR B 296 -8.58 0.04 5.26
N LEU B 297 -8.22 0.77 4.21
CA LEU B 297 -6.86 1.25 4.07
C LEU B 297 -6.46 2.03 5.30
N ALA B 298 -7.31 2.96 5.68
CA ALA B 298 -7.02 3.84 6.79
C ALA B 298 -6.86 3.03 8.04
N ALA B 299 -7.58 1.94 8.13
CA ALA B 299 -7.49 1.08 9.30
C ALA B 299 -6.12 0.46 9.33
N LEU B 300 -5.69 -0.05 8.18
CA LEU B 300 -4.37 -0.64 8.07
C LEU B 300 -3.33 0.36 8.53
N ALA B 301 -3.42 1.56 7.96
CA ALA B 301 -2.49 2.62 8.26
C ALA B 301 -2.45 2.88 9.75
N THR B 302 -3.62 2.90 10.35
CA THR B 302 -3.73 3.19 11.76
C THR B 302 -2.99 2.14 12.57
N ILE B 303 -3.24 0.89 12.20
CA ILE B 303 -2.60 -0.23 12.89
C ILE B 303 -1.10 -0.08 12.80
N PHE B 304 -0.63 0.20 11.60
CA PHE B 304 0.79 0.44 11.38
C PHE B 304 1.29 1.49 12.35
N ILE B 305 0.62 2.63 12.39
CA ILE B 305 1.06 3.74 13.19
C ILE B 305 1.20 3.37 14.66
N PHE B 306 0.14 2.81 15.21
CA PHE B 306 0.17 2.47 16.62
C PHE B 306 1.24 1.45 16.95
N VAL B 307 1.26 0.36 16.18
CA VAL B 307 2.18 -0.70 16.50
C VAL B 307 3.62 -0.25 16.36
N LEU B 308 3.90 0.42 15.26
CA LEU B 308 5.25 0.92 15.02
C LEU B 308 5.64 1.88 16.12
N LEU B 309 4.70 2.68 16.57
CA LEU B 309 4.94 3.56 17.69
C LEU B 309 5.36 2.72 18.88
N GLY B 310 4.71 1.59 19.04
CA GLY B 310 5.04 0.67 20.11
C GLY B 310 6.47 0.19 20.03
N ALA B 311 6.89 -0.23 18.85
CA ALA B 311 8.24 -0.75 18.68
C ALA B 311 9.27 0.36 18.55
N GLU B 312 8.81 1.60 18.59
CA GLU B 312 9.69 2.74 18.39
C GLU B 312 10.30 3.19 19.70
N MET B 313 9.50 3.14 20.75
CA MET B 313 9.85 3.75 22.02
C MET B 313 11.11 3.16 22.65
N ASN B 314 11.77 3.97 23.46
CA ASN B 314 12.92 3.51 24.21
C ASN B 314 12.56 3.36 25.67
N LEU B 315 12.57 2.13 26.14
CA LEU B 315 12.11 1.84 27.49
C LEU B 315 12.88 2.62 28.52
N GLU B 316 14.17 2.82 28.28
CA GLU B 316 15.01 3.45 29.28
C GLU B 316 14.57 4.88 29.51
N VAL B 317 14.38 5.63 28.44
CA VAL B 317 13.97 7.01 28.56
C VAL B 317 12.62 7.08 29.23
N ILE B 318 11.75 6.15 28.84
CA ILE B 318 10.42 6.10 29.39
C ILE B 318 10.48 5.98 30.89
N TRP B 319 11.07 4.89 31.36
CA TRP B 319 11.15 4.61 32.78
C TRP B 319 11.83 5.74 33.51
N SER B 320 12.86 6.30 32.90
CA SER B 320 13.63 7.36 33.52
C SER B 320 12.74 8.54 33.78
N ASN B 321 11.87 8.84 32.83
CA ASN B 321 10.93 9.95 32.98
C ASN B 321 9.48 9.51 33.13
N LEU B 322 9.28 8.27 33.55
CA LEU B 322 7.95 7.70 33.71
C LEU B 322 7.00 8.61 34.47
N GLY B 323 7.33 8.90 35.72
CA GLY B 323 6.44 9.69 36.57
C GLY B 323 6.13 11.05 35.99
N LYS B 324 7.19 11.73 35.59
CA LYS B 324 7.07 13.08 35.08
C LYS B 324 6.06 13.14 33.98
N GLY B 325 6.26 12.27 32.99
CA GLY B 325 5.31 12.11 31.91
C GLY B 325 3.90 11.98 32.41
N LEU B 326 3.70 11.17 33.44
CA LEU B 326 2.36 10.92 33.97
C LEU B 326 1.74 12.23 34.41
N LEU B 327 2.47 12.95 35.26
CA LEU B 327 1.98 14.24 35.75
C LEU B 327 1.63 15.12 34.59
N VAL B 328 2.48 15.09 33.58
CA VAL B 328 2.29 15.94 32.42
C VAL B 328 1.00 15.56 31.74
N ALA B 329 0.74 14.27 31.74
CA ALA B 329 -0.33 13.73 30.94
C ALA B 329 -1.65 14.03 31.56
N LEU B 330 -1.84 13.51 32.77
CA LEU B 330 -3.06 13.75 33.50
C LEU B 330 -3.25 15.25 33.61
N GLY B 331 -2.15 15.97 33.75
CA GLY B 331 -2.20 17.41 33.83
C GLY B 331 -2.82 17.97 32.57
N VAL B 332 -2.40 17.44 31.43
CA VAL B 332 -2.91 17.90 30.16
C VAL B 332 -4.38 17.61 30.10
N MET B 333 -4.72 16.38 30.46
CA MET B 333 -6.07 15.88 30.36
C MET B 333 -7.03 16.73 31.19
N ILE B 334 -6.58 17.16 32.35
CA ILE B 334 -7.50 17.81 33.29
C ILE B 334 -7.34 19.31 33.37
N LEU B 335 -6.40 19.85 32.61
CA LEU B 335 -6.17 21.28 32.66
C LEU B 335 -6.23 21.89 31.28
N ALA B 336 -5.49 21.30 30.35
CA ALA B 336 -5.40 21.87 29.00
C ALA B 336 -6.77 21.91 28.36
N ARG B 337 -7.46 20.79 28.36
CA ARG B 337 -8.79 20.72 27.76
C ARG B 337 -9.80 21.66 28.41
N PRO B 338 -10.00 21.56 29.74
CA PRO B 338 -11.07 22.38 30.30
C PRO B 338 -10.79 23.86 30.19
N LEU B 339 -9.52 24.25 30.35
CA LEU B 339 -9.17 25.65 30.33
C LEU B 339 -9.23 26.23 28.93
N ALA B 340 -9.05 25.37 27.92
CA ALA B 340 -9.08 25.84 26.55
C ALA B 340 -10.47 25.71 25.99
N THR B 341 -11.36 25.12 26.76
CA THR B 341 -12.73 24.93 26.34
C THR B 341 -13.68 25.76 27.18
N LEU B 342 -13.10 26.57 28.06
CA LEU B 342 -13.88 27.52 28.82
C LEU B 342 -14.73 28.46 27.95
N PRO B 343 -14.14 29.04 26.89
CA PRO B 343 -14.97 30.00 26.17
C PRO B 343 -16.07 29.37 25.31
N LEU B 344 -16.49 28.15 25.61
CA LEU B 344 -17.66 27.62 24.94
C LEU B 344 -18.80 27.52 25.94
N LEU B 345 -18.47 27.85 27.18
CA LEU B 345 -19.42 27.74 28.28
C LEU B 345 -20.66 28.58 28.05
N LYS B 346 -20.54 29.57 27.17
CA LYS B 346 -21.66 30.46 26.88
C LYS B 346 -22.68 29.77 26.00
N TRP B 347 -22.40 28.52 25.63
CA TRP B 347 -23.33 27.79 24.81
C TRP B 347 -23.95 26.61 25.53
N TRP B 348 -23.22 26.04 26.49
CA TRP B 348 -23.76 24.92 27.25
C TRP B 348 -23.48 25.03 28.74
N ASN B 349 -24.20 24.25 29.54
CA ASN B 349 -24.19 24.38 30.98
C ASN B 349 -22.83 24.10 31.60
N PHE B 350 -22.65 24.56 32.83
CA PHE B 350 -21.41 24.37 33.56
C PHE B 350 -21.12 22.89 33.72
N ARG B 351 -22.19 22.10 33.77
CA ARG B 351 -22.07 20.65 33.86
C ARG B 351 -21.87 20.07 32.47
N GLU B 352 -22.73 20.47 31.56
CA GLU B 352 -22.76 19.93 30.21
C GLU B 352 -21.40 19.95 29.52
N TYR B 353 -20.78 21.11 29.49
CA TYR B 353 -19.50 21.27 28.80
C TYR B 353 -18.39 20.47 29.47
N LEU B 354 -18.50 20.33 30.79
CA LEU B 354 -17.47 19.68 31.58
C LEU B 354 -17.18 18.30 31.04
N PHE B 355 -18.24 17.62 30.62
CA PHE B 355 -18.08 16.29 30.05
C PHE B 355 -17.20 16.35 28.84
N ILE B 356 -17.66 17.04 27.81
CA ILE B 356 -16.98 17.05 26.52
C ILE B 356 -15.57 17.59 26.65
N ALA B 357 -15.33 18.41 27.65
CA ALA B 357 -14.00 18.93 27.87
C ALA B 357 -13.15 17.83 28.45
N LEU B 358 -13.62 17.25 29.54
CA LEU B 358 -12.83 16.31 30.31
C LEU B 358 -12.69 14.98 29.58
N GLU B 359 -13.40 14.82 28.49
CA GLU B 359 -13.45 13.52 27.86
C GLU B 359 -12.47 13.35 26.69
N GLY B 360 -12.10 14.45 26.05
CA GLY B 360 -11.27 14.39 24.86
C GLY B 360 -9.95 13.64 25.04
N PRO B 361 -9.76 12.56 24.28
CA PRO B 361 -8.54 11.75 24.33
C PRO B 361 -7.62 12.08 23.17
N ARG B 362 -6.41 11.54 23.22
CA ARG B 362 -5.40 11.82 22.21
C ARG B 362 -4.94 10.52 21.59
N GLY B 363 -4.91 10.46 20.26
CA GLY B 363 -4.66 9.20 19.60
C GLY B 363 -3.71 9.17 18.43
N VAL B 364 -4.28 8.98 17.24
CA VAL B 364 -3.50 8.60 16.06
C VAL B 364 -2.41 9.59 15.71
N VAL B 365 -2.81 10.77 15.26
CA VAL B 365 -1.87 11.77 14.80
C VAL B 365 -0.72 12.01 15.79
N PRO B 366 -1.03 12.23 17.07
CA PRO B 366 0.09 12.43 17.98
C PRO B 366 0.95 11.18 18.08
N SER B 367 0.33 10.03 17.89
CA SER B 367 1.07 8.79 17.97
C SER B 367 2.04 8.73 16.81
N ALA B 368 1.68 9.39 15.71
CA ALA B 368 2.49 9.34 14.51
C ALA B 368 3.54 10.43 14.50
N LEU B 369 3.34 11.46 15.31
CA LEU B 369 4.29 12.56 15.34
C LEU B 369 5.27 12.46 16.48
N ALA B 370 5.17 11.39 17.25
CA ALA B 370 6.01 11.24 18.43
C ALA B 370 7.47 11.10 18.03
N SER B 371 7.71 10.46 16.89
CA SER B 371 9.06 10.12 16.50
C SER B 371 9.63 11.13 15.52
N LEU B 372 8.78 12.01 15.02
CA LEU B 372 9.21 13.01 14.05
C LEU B 372 10.37 13.89 14.52
N PRO B 373 10.27 14.49 15.72
CA PRO B 373 11.41 15.31 16.11
C PRO B 373 12.66 14.49 16.23
N LEU B 374 12.50 13.30 16.77
CA LEU B 374 13.63 12.40 16.91
C LEU B 374 14.14 12.08 15.53
N SER B 375 13.20 11.91 14.60
CA SER B 375 13.56 11.58 13.22
C SER B 375 14.47 12.64 12.68
N LEU B 376 14.11 13.88 12.90
CA LEU B 376 14.88 14.99 12.38
C LEU B 376 16.24 15.01 13.05
N ALA B 377 16.22 14.93 14.38
CA ALA B 377 17.44 15.00 15.15
C ALA B 377 18.44 13.96 14.67
N LEU B 378 17.93 12.79 14.33
CA LEU B 378 18.78 11.74 13.80
C LEU B 378 19.25 12.10 12.42
N LYS B 379 18.34 12.61 11.60
CA LYS B 379 18.69 12.98 10.24
C LYS B 379 19.58 14.19 10.25
N TYR B 380 19.08 15.28 10.85
CA TYR B 380 19.82 16.54 10.87
C TYR B 380 20.18 16.90 12.28
N LYS B 381 21.39 17.40 12.48
CA LYS B 381 21.83 17.82 13.80
C LYS B 381 21.50 19.27 14.04
N SER B 382 21.06 19.59 15.24
CA SER B 382 20.78 20.96 15.61
C SER B 382 20.85 21.13 17.10
N PRO B 383 21.49 22.20 17.55
CA PRO B 383 21.68 22.44 18.98
C PRO B 383 20.36 22.67 19.67
N LEU B 384 19.43 23.30 18.97
CA LEU B 384 18.14 23.61 19.55
C LEU B 384 17.37 22.33 19.80
N LEU B 385 17.55 21.35 18.93
CA LEU B 385 16.81 20.11 18.99
C LEU B 385 17.74 18.95 19.19
N THR B 386 18.06 18.65 20.43
CA THR B 386 18.95 17.54 20.71
C THR B 386 18.22 16.25 20.45
N VAL B 387 18.97 15.19 20.24
CA VAL B 387 18.39 13.88 20.11
C VAL B 387 17.75 13.51 21.43
N HIS B 388 18.43 13.91 22.50
CA HIS B 388 17.96 13.66 23.86
C HIS B 388 16.53 14.15 24.00
N TRP B 389 16.31 15.41 23.68
CA TRP B 389 14.98 15.98 23.76
C TRP B 389 14.01 15.27 22.84
N GLY B 390 14.53 14.69 21.77
CA GLY B 390 13.70 13.94 20.85
C GLY B 390 13.13 12.74 21.57
N GLU B 391 14.02 11.93 22.14
CA GLU B 391 13.60 10.75 22.87
C GLU B 391 12.64 11.13 23.98
N ILE B 392 12.94 12.23 24.64
CA ILE B 392 12.11 12.68 25.74
C ILE B 392 10.71 12.97 25.27
N ILE B 393 10.61 13.81 24.25
CA ILE B 393 9.33 14.17 23.69
C ILE B 393 8.55 12.94 23.29
N MET B 394 9.18 12.06 22.54
CA MET B 394 8.52 10.85 22.07
C MET B 394 7.95 10.06 23.25
N ALA B 395 8.78 9.86 24.26
CA ALA B 395 8.36 9.08 25.41
C ALA B 395 7.15 9.71 26.07
N THR B 396 7.24 11.00 26.31
CA THR B 396 6.18 11.72 26.98
C THR B 396 4.90 11.60 26.20
N VAL B 397 4.99 11.69 24.88
CA VAL B 397 3.81 11.59 24.04
C VAL B 397 3.20 10.21 24.17
N VAL B 398 4.05 9.20 24.17
CA VAL B 398 3.58 7.84 24.33
C VAL B 398 2.75 7.72 25.59
N ILE B 399 3.35 8.16 26.70
CA ILE B 399 2.67 8.11 27.98
C ILE B 399 1.37 8.85 27.90
N THR B 400 1.39 9.97 27.19
CA THR B 400 0.21 10.81 27.10
C THR B 400 -0.91 10.08 26.43
N VAL B 401 -0.61 9.46 25.30
CA VAL B 401 -1.65 8.76 24.55
C VAL B 401 -2.20 7.64 25.39
N LEU B 402 -1.30 6.84 25.96
CA LEU B 402 -1.70 5.74 26.80
C LEU B 402 -2.67 6.20 27.85
N THR B 403 -2.20 7.13 28.68
CA THR B 403 -2.97 7.63 29.79
C THR B 403 -4.30 8.18 29.35
N SER B 404 -4.28 8.99 28.30
CA SER B 404 -5.49 9.61 27.79
C SER B 404 -6.49 8.54 27.45
N VAL B 405 -6.14 7.71 26.48
CA VAL B 405 -7.06 6.70 25.99
C VAL B 405 -7.59 5.84 27.12
N ILE B 406 -6.68 5.29 27.91
CA ILE B 406 -7.09 4.42 29.01
C ILE B 406 -8.09 5.11 29.93
N VAL B 407 -7.67 6.23 30.51
CA VAL B 407 -8.48 6.91 31.51
C VAL B 407 -9.84 7.36 30.97
N GLU B 408 -9.84 7.94 29.78
CA GLU B 408 -11.07 8.42 29.19
C GLU B 408 -12.02 7.27 28.90
N THR B 409 -11.51 6.27 28.19
CA THR B 409 -12.29 5.10 27.84
C THR B 409 -12.85 4.40 29.05
N LEU B 410 -12.12 4.46 30.16
CA LEU B 410 -12.56 3.79 31.36
C LEU B 410 -13.62 4.61 32.08
N TRP B 411 -13.41 5.92 32.13
CA TRP B 411 -14.26 6.74 32.98
C TRP B 411 -15.42 7.40 32.28
N ILE B 412 -15.63 7.08 31.01
CA ILE B 412 -16.82 7.58 30.34
C ILE B 412 -18.16 7.34 31.04
N PRO B 413 -18.45 6.09 31.49
CA PRO B 413 -19.82 5.87 31.93
C PRO B 413 -20.14 6.64 33.19
N ILE B 414 -19.20 6.58 34.13
CA ILE B 414 -19.34 7.23 35.42
C ILE B 414 -19.78 8.67 35.21
N LEU B 415 -19.20 9.32 34.22
CA LEU B 415 -19.55 10.69 33.90
C LEU B 415 -21.01 10.83 33.56
N LYS B 416 -21.51 9.90 32.74
CA LYS B 416 -22.87 10.00 32.24
C LYS B 416 -23.89 10.10 33.35
N ASP B 417 -23.92 9.07 34.19
CA ASP B 417 -24.84 9.05 35.32
C ASP B 417 -24.59 10.21 36.26
N LYS B 418 -23.32 10.54 36.48
CA LYS B 418 -22.98 11.59 37.42
C LYS B 418 -23.18 12.97 36.81
N LEU B 419 -23.55 13.04 35.55
CA LEU B 419 -23.81 14.32 34.93
C LEU B 419 -25.20 14.37 34.34
N ASP B 420 -25.73 13.20 34.02
CA ASP B 420 -27.07 13.11 33.48
C ASP B 420 -27.87 12.04 34.23
#